data_3URQ
#
_entry.id   3URQ
#
_cell.length_a   85.493
_cell.length_b   85.278
_cell.length_c   87.868
_cell.angle_alpha   90.00
_cell.angle_beta   90.00
_cell.angle_gamma   90.00
#
_symmetry.space_group_name_H-M   'P 21 21 2'
#
loop_
_entity.id
_entity.type
_entity.pdbx_description
1 polymer 'Parathion hydrolase'
2 non-polymer 'COBALT (II) ION'
3 non-polymer 'cyclohexyl methylphosphonate'
4 non-polymer IMIDAZOLE
5 water water
#
_entity_poly.entity_id   1
_entity_poly.type   'polypeptide(L)'
_entity_poly.pdbx_seq_one_letter_code
;DRINTVRGPITISEAGFTLTHEHICGSSAGFLHAWPEFFGSRKALVEKAVRGLRRARAAGVRTIVDVSTFDCGRDVSLLA
EVSRAADVHIVAATGLWIDPPLSMRLRSVEELTQFFLREIQYGIEDTGIRAGII(KCX)VATTGKATPFQELVLRAAARA
SLATGVPVTTHTAASQRDGEQQAAIFESEGLSPSRVCIGHSDDTDDLSYLTALAARGYLIGLDGIPWSAIGLEDNASASA
ILGNRSWQTRALLIKALIDQGYMKQILVSNDWTFGFSSYVTNIMDVLDRVNPDGMAFIPLRVIPFLREKGVPQETLAGIT
VTNPARFLSPT
;
_entity_poly.pdbx_strand_id   A,B
#
loop_
_chem_comp.id
_chem_comp.type
_chem_comp.name
_chem_comp.formula
CO non-polymer 'COBALT (II) ION' 'Co 2'
IMD non-polymer IMIDAZOLE 'C3 H5 N2 1'
QMP non-polymer 'cyclohexyl methylphosphonate' 'C7 H15 O3 P'
#
# COMPACT_ATOMS: atom_id res chain seq x y z
N ASP A 1 19.08 -7.57 -27.44
CA ASP A 1 18.13 -7.98 -26.38
C ASP A 1 18.83 -8.37 -25.07
N ARG A 2 19.40 -7.36 -24.40
CA ARG A 2 20.12 -7.58 -23.15
C ARG A 2 19.39 -7.09 -21.90
N ILE A 3 19.05 -5.79 -21.85
CA ILE A 3 18.35 -5.23 -20.68
C ILE A 3 16.84 -5.01 -20.87
N ASN A 4 16.07 -5.41 -19.87
CA ASN A 4 14.61 -5.27 -19.90
C ASN A 4 14.14 -3.85 -19.58
N THR A 5 13.27 -3.32 -20.45
CA THR A 5 12.69 -1.99 -20.26
C THR A 5 11.18 -2.17 -20.26
N VAL A 6 10.46 -1.09 -19.99
CA VAL A 6 8.99 -1.10 -19.99
C VAL A 6 8.39 -1.23 -21.40
N ARG A 7 9.25 -1.09 -22.42
CA ARG A 7 8.85 -1.20 -23.82
C ARG A 7 9.36 -2.53 -24.42
N GLY A 8 10.08 -3.30 -23.59
CA GLY A 8 10.62 -4.57 -24.02
C GLY A 8 12.14 -4.59 -23.97
N PRO A 9 12.80 -5.70 -24.41
CA PRO A 9 14.26 -5.80 -24.38
C PRO A 9 14.98 -4.92 -25.42
N ILE A 10 16.02 -4.22 -24.95
CA ILE A 10 16.85 -3.37 -25.81
C ILE A 10 18.31 -3.82 -25.65
N THR A 11 19.15 -3.50 -26.63
CA THR A 11 20.57 -3.86 -26.58
C THR A 11 21.32 -2.86 -25.71
N ILE A 12 22.52 -3.23 -25.26
CA ILE A 12 23.38 -2.39 -24.41
C ILE A 12 23.70 -1.03 -25.02
N SER A 13 24.03 -1.06 -26.32
CA SER A 13 24.36 0.14 -27.09
C SER A 13 23.24 1.17 -27.23
N GLU A 14 21.99 0.70 -27.12
CA GLU A 14 20.80 1.56 -27.22
C GLU A 14 20.57 2.40 -25.97
N ALA A 15 21.06 1.92 -24.83
CA ALA A 15 20.91 2.59 -23.53
C ALA A 15 21.49 4.01 -23.46
N GLY A 16 22.71 4.18 -23.97
CA GLY A 16 23.37 5.48 -23.97
C GLY A 16 23.51 6.14 -22.60
N PHE A 17 23.27 7.45 -22.56
CA PHE A 17 23.33 8.25 -21.33
C PHE A 17 22.21 7.76 -20.41
N THR A 18 22.61 7.20 -19.27
CA THR A 18 21.67 6.66 -18.31
C THR A 18 21.72 7.27 -16.91
N LEU A 19 20.53 7.57 -16.40
CA LEU A 19 20.34 8.10 -15.05
C LEU A 19 19.86 6.87 -14.26
N THR A 20 20.75 6.33 -13.45
CA THR A 20 20.53 5.11 -12.65
C THR A 20 19.58 5.08 -11.45
N HIS A 21 19.09 6.22 -11.01
CA HIS A 21 18.19 6.26 -9.85
C HIS A 21 17.25 7.45 -10.03
N GLU A 22 16.07 7.17 -10.57
CA GLU A 22 15.03 8.19 -10.80
C GLU A 22 13.66 7.59 -10.47
N HIS A 23 12.64 8.45 -10.48
CA HIS A 23 11.25 8.03 -10.23
C HIS A 23 10.37 8.85 -11.16
N ILE A 24 9.29 8.25 -11.63
CA ILE A 24 8.32 8.99 -12.44
C ILE A 24 7.33 9.53 -11.42
N CYS A 25 7.01 8.68 -10.43
CA CYS A 25 6.09 9.04 -9.37
C CYS A 25 6.42 8.30 -8.07
N GLY A 26 6.66 9.07 -7.01
CA GLY A 26 6.94 8.52 -5.69
C GLY A 26 5.61 8.45 -4.96
N SER A 27 5.08 7.25 -4.80
CA SER A 27 3.77 7.08 -4.18
C SER A 27 3.69 5.88 -3.25
N SER A 28 2.53 5.22 -3.23
CA SER A 28 2.30 4.04 -2.39
C SER A 28 1.48 3.08 -3.24
N ALA A 29 1.59 1.79 -2.95
CA ALA A 29 0.88 0.73 -3.68
C ALA A 29 -0.61 1.06 -3.83
N GLY A 30 -1.07 1.06 -5.07
CA GLY A 30 -2.47 1.35 -5.39
C GLY A 30 -2.96 2.78 -5.26
N PHE A 31 -2.09 3.69 -4.80
CA PHE A 31 -2.48 5.10 -4.58
C PHE A 31 -2.91 5.88 -5.82
N LEU A 32 -2.09 5.85 -6.88
CA LEU A 32 -2.39 6.54 -8.13
C LEU A 32 -3.70 6.04 -8.77
N HIS A 33 -3.95 4.74 -8.64
CA HIS A 33 -5.16 4.13 -9.18
C HIS A 33 -6.41 4.62 -8.42
N ALA A 34 -6.30 4.74 -7.10
CA ALA A 34 -7.42 5.15 -6.24
C ALA A 34 -7.65 6.64 -6.02
N TRP A 35 -6.59 7.44 -6.16
CA TRP A 35 -6.70 8.87 -5.96
C TRP A 35 -5.83 9.66 -6.95
N PRO A 36 -6.17 9.62 -8.26
CA PRO A 36 -5.37 10.37 -9.22
C PRO A 36 -5.48 11.90 -9.09
N GLU A 37 -6.56 12.38 -8.47
CA GLU A 37 -6.80 13.83 -8.25
C GLU A 37 -5.81 14.44 -7.29
N PHE A 38 -5.10 13.61 -6.53
CA PHE A 38 -4.07 14.07 -5.60
C PHE A 38 -2.97 14.77 -6.41
N PHE A 39 -2.73 14.27 -7.64
CA PHE A 39 -1.71 14.79 -8.55
C PHE A 39 -2.36 15.67 -9.63
N GLY A 40 -3.57 16.16 -9.33
CA GLY A 40 -4.34 16.97 -10.28
C GLY A 40 -5.28 16.00 -10.99
N SER A 41 -4.67 15.14 -11.80
CA SER A 41 -5.35 14.09 -12.57
C SER A 41 -4.23 13.18 -13.05
N ARG A 42 -4.61 11.99 -13.53
CA ARG A 42 -3.63 11.03 -14.07
C ARG A 42 -3.03 11.64 -15.34
N LYS A 43 -3.89 12.30 -16.12
CA LYS A 43 -3.52 12.96 -17.38
C LYS A 43 -2.50 14.08 -17.13
N ALA A 44 -2.72 14.88 -16.08
CA ALA A 44 -1.81 15.97 -15.73
C ALA A 44 -0.43 15.46 -15.32
N LEU A 45 -0.42 14.34 -14.59
CA LEU A 45 0.81 13.70 -14.13
C LEU A 45 1.60 13.15 -15.33
N VAL A 46 0.89 12.50 -16.27
CA VAL A 46 1.49 11.93 -17.49
C VAL A 46 2.15 13.04 -18.31
N GLU A 47 1.40 14.13 -18.55
CA GLU A 47 1.87 15.28 -19.31
C GLU A 47 3.10 15.95 -18.71
N LYS A 48 3.16 16.02 -17.38
CA LYS A 48 4.29 16.60 -16.65
C LYS A 48 5.51 15.68 -16.78
N ALA A 49 5.24 14.38 -16.72
CA ALA A 49 6.28 13.36 -16.84
C ALA A 49 6.88 13.31 -18.24
N VAL A 50 6.02 13.43 -19.24
CA VAL A 50 6.42 13.41 -20.66
C VAL A 50 7.25 14.65 -20.99
N ARG A 51 6.80 15.82 -20.53
CA ARG A 51 7.50 17.09 -20.76
C ARG A 51 8.89 17.07 -20.14
N GLY A 52 8.95 16.57 -18.90
CA GLY A 52 10.20 16.48 -18.16
C GLY A 52 11.20 15.52 -18.80
N LEU A 53 10.73 14.35 -19.24
CA LEU A 53 11.60 13.36 -19.88
C LEU A 53 12.05 13.80 -21.26
N ARG A 54 11.19 14.56 -21.96
CA ARG A 54 11.50 15.10 -23.30
C ARG A 54 12.60 16.16 -23.18
N ARG A 55 12.50 16.98 -22.12
CA ARG A 55 13.50 18.02 -21.85
C ARG A 55 14.82 17.37 -21.44
N ALA A 56 14.71 16.21 -20.77
CA ALA A 56 15.88 15.45 -20.34
C ALA A 56 16.56 14.83 -21.55
N ARG A 57 15.76 14.36 -22.52
CA ARG A 57 16.26 13.74 -23.76
C ARG A 57 16.96 14.78 -24.63
N ALA A 58 16.43 16.01 -24.63
CA ALA A 58 16.98 17.14 -25.39
C ALA A 58 18.35 17.54 -24.85
N ALA A 59 18.57 17.23 -23.57
CA ALA A 59 19.83 17.51 -22.88
C ALA A 59 20.85 16.38 -23.02
N GLY A 60 20.42 15.23 -23.51
CA GLY A 60 21.32 14.10 -23.70
C GLY A 60 20.90 12.77 -23.13
N VAL A 61 19.98 12.76 -22.16
CA VAL A 61 19.51 11.52 -21.53
C VAL A 61 18.78 10.60 -22.52
N ARG A 62 19.14 9.32 -22.50
CA ARG A 62 18.52 8.35 -23.40
C ARG A 62 17.77 7.27 -22.61
N THR A 63 18.22 7.04 -21.37
CA THR A 63 17.63 6.04 -20.48
C THR A 63 17.62 6.48 -19.02
N ILE A 64 16.57 6.10 -18.30
CA ILE A 64 16.46 6.34 -16.87
C ILE A 64 16.07 5.02 -16.23
N VAL A 65 16.49 4.81 -15.00
CA VAL A 65 16.13 3.61 -14.27
C VAL A 65 15.18 4.08 -13.17
N ASP A 66 13.92 3.69 -13.31
CA ASP A 66 12.92 4.06 -12.31
C ASP A 66 13.04 3.01 -11.20
N VAL A 67 13.56 3.46 -10.05
CA VAL A 67 13.75 2.60 -8.89
C VAL A 67 12.57 2.50 -7.93
N SER A 68 11.37 2.81 -8.43
CA SER A 68 10.15 2.72 -7.64
C SER A 68 9.74 1.25 -7.55
N THR A 69 9.53 0.80 -6.34
CA THR A 69 9.13 -0.57 -6.06
C THR A 69 7.62 -0.62 -5.86
N PHE A 70 7.11 -1.82 -5.63
CA PHE A 70 5.69 -2.08 -5.36
C PHE A 70 5.11 -1.10 -4.30
N ASP A 71 5.80 -1.01 -3.17
CA ASP A 71 5.40 -0.16 -2.06
C ASP A 71 5.71 1.33 -2.22
N CYS A 72 6.50 1.66 -3.25
CA CYS A 72 6.85 3.04 -3.55
C CYS A 72 5.88 3.51 -4.64
N GLY A 73 4.80 2.75 -4.83
CA GLY A 73 3.77 3.08 -5.80
C GLY A 73 3.98 2.91 -7.28
N ARG A 74 4.97 2.10 -7.64
CA ARG A 74 5.31 1.82 -9.03
C ARG A 74 4.08 1.39 -9.83
N ASP A 75 3.84 2.11 -10.91
CA ASP A 75 2.73 1.83 -11.81
C ASP A 75 3.43 1.69 -13.15
N VAL A 76 3.72 0.44 -13.55
CA VAL A 76 4.41 0.17 -14.81
C VAL A 76 3.67 0.60 -16.06
N SER A 77 2.34 0.68 -15.98
CA SER A 77 1.53 1.13 -17.12
C SER A 77 1.75 2.64 -17.34
N LEU A 78 2.02 3.38 -16.24
CA LEU A 78 2.30 4.82 -16.29
C LEU A 78 3.70 4.97 -16.87
N LEU A 79 4.64 4.16 -16.37
CA LEU A 79 6.03 4.16 -16.85
C LEU A 79 6.10 3.87 -18.35
N ALA A 80 5.28 2.91 -18.81
CA ALA A 80 5.20 2.52 -20.22
C ALA A 80 4.67 3.64 -21.09
N GLU A 81 3.58 4.27 -20.64
CA GLU A 81 2.94 5.37 -21.35
C GLU A 81 3.88 6.57 -21.51
N VAL A 82 4.54 6.98 -20.42
CA VAL A 82 5.45 8.11 -20.46
C VAL A 82 6.75 7.84 -21.24
N SER A 83 7.20 6.58 -21.20
CA SER A 83 8.40 6.14 -21.91
C SER A 83 8.24 6.25 -23.41
N ARG A 84 7.11 5.74 -23.90
CA ARG A 84 6.75 5.73 -25.32
C ARG A 84 6.54 7.13 -25.86
N ALA A 85 5.84 7.96 -25.08
CA ALA A 85 5.53 9.34 -25.45
C ALA A 85 6.71 10.28 -25.46
N ALA A 86 7.67 10.03 -24.57
CA ALA A 86 8.87 10.84 -24.49
C ALA A 86 10.05 10.28 -25.28
N ASP A 87 9.93 9.00 -25.66
CA ASP A 87 10.94 8.23 -26.40
C ASP A 87 12.26 8.10 -25.60
N VAL A 88 12.11 7.78 -24.32
CA VAL A 88 13.22 7.60 -23.38
C VAL A 88 13.03 6.21 -22.79
N HIS A 89 14.10 5.40 -22.79
CA HIS A 89 14.03 4.05 -22.23
C HIS A 89 13.90 4.14 -20.72
N ILE A 90 13.01 3.33 -20.15
CA ILE A 90 12.80 3.30 -18.69
C ILE A 90 12.92 1.86 -18.22
N VAL A 91 13.84 1.64 -17.28
CA VAL A 91 14.06 0.33 -16.68
C VAL A 91 13.25 0.32 -15.38
N ALA A 92 12.40 -0.70 -15.24
CA ALA A 92 11.54 -0.87 -14.08
C ALA A 92 12.24 -1.68 -13.01
N ALA A 93 11.76 -1.53 -11.77
CA ALA A 93 12.33 -2.22 -10.65
C ALA A 93 11.39 -3.13 -9.90
N THR A 94 12.01 -4.08 -9.21
CA THR A 94 11.30 -4.97 -8.29
C THR A 94 11.98 -4.68 -6.95
N GLY A 95 11.62 -5.42 -5.91
CA GLY A 95 12.19 -5.20 -4.60
C GLY A 95 11.17 -4.56 -3.69
N LEU A 96 11.63 -4.11 -2.52
CA LEU A 96 10.79 -3.44 -1.51
C LEU A 96 11.57 -2.25 -0.97
N TRP A 97 10.84 -1.14 -0.74
CA TRP A 97 11.39 0.13 -0.24
C TRP A 97 11.16 0.23 1.29
N ILE A 98 11.05 1.45 1.83
CA ILE A 98 10.87 1.68 3.27
C ILE A 98 9.44 1.60 3.84
N ASP A 99 8.46 1.34 2.97
CA ASP A 99 7.07 1.27 3.43
C ASP A 99 6.33 -0.02 3.02
N PRO A 100 6.85 -1.23 3.39
CA PRO A 100 6.14 -2.44 2.98
C PRO A 100 4.86 -2.72 3.78
N PRO A 101 3.77 -3.14 3.09
CA PRO A 101 2.52 -3.44 3.81
C PRO A 101 2.59 -4.77 4.55
N LEU A 102 1.54 -5.06 5.33
CA LEU A 102 1.43 -6.29 6.12
C LEU A 102 1.60 -7.55 5.27
N SER A 103 0.99 -7.53 4.09
CA SER A 103 1.07 -8.66 3.16
C SER A 103 2.47 -8.93 2.63
N MET A 104 3.34 -7.93 2.75
CA MET A 104 4.74 -8.04 2.34
C MET A 104 5.61 -8.29 3.55
N ARG A 105 5.38 -7.56 4.64
CA ARG A 105 6.20 -7.71 5.85
C ARG A 105 6.07 -8.98 6.67
N LEU A 106 5.05 -9.79 6.38
CA LEU A 106 4.84 -11.06 7.07
C LEU A 106 5.35 -12.24 6.23
N ARG A 107 6.01 -11.92 5.13
CA ARG A 107 6.55 -12.94 4.23
C ARG A 107 7.93 -13.42 4.60
N SER A 108 8.22 -14.67 4.23
CA SER A 108 9.50 -15.31 4.49
C SER A 108 10.47 -14.94 3.37
N VAL A 109 11.76 -15.24 3.58
CA VAL A 109 12.79 -14.97 2.58
C VAL A 109 12.55 -15.73 1.26
N GLU A 110 11.98 -16.93 1.37
CA GLU A 110 11.67 -17.78 0.21
C GLU A 110 10.52 -17.22 -0.63
N GLU A 111 9.51 -16.68 0.05
CA GLU A 111 8.34 -16.09 -0.60
C GLU A 111 8.72 -14.77 -1.29
N LEU A 112 9.56 -13.98 -0.62
CA LEU A 112 10.05 -12.71 -1.15
C LEU A 112 10.91 -12.94 -2.37
N THR A 113 11.66 -14.05 -2.37
CA THR A 113 12.53 -14.43 -3.49
C THR A 113 11.65 -14.72 -4.71
N GLN A 114 10.55 -15.47 -4.49
CA GLN A 114 9.59 -15.82 -5.54
C GLN A 114 8.93 -14.57 -6.15
N PHE A 115 8.56 -13.61 -5.30
CA PHE A 115 7.94 -12.35 -5.76
C PHE A 115 8.89 -11.59 -6.68
N PHE A 116 10.14 -11.42 -6.25
CA PHE A 116 11.15 -10.69 -7.03
C PHE A 116 11.45 -11.40 -8.33
N LEU A 117 11.55 -12.73 -8.28
CA LEU A 117 11.81 -13.55 -9.46
C LEU A 117 10.65 -13.47 -10.46
N ARG A 118 9.43 -13.38 -9.94
CA ARG A 118 8.22 -13.28 -10.76
C ARG A 118 8.23 -11.97 -11.56
N GLU A 119 8.60 -10.87 -10.90
CA GLU A 119 8.63 -9.56 -11.54
C GLU A 119 9.76 -9.40 -12.56
N ILE A 120 10.80 -10.23 -12.42
CA ILE A 120 11.96 -10.23 -13.32
C ILE A 120 11.77 -11.23 -14.49
N GLN A 121 11.35 -12.45 -14.17
CA GLN A 121 11.17 -13.53 -15.15
C GLN A 121 9.81 -13.65 -15.86
N TYR A 122 8.73 -13.41 -15.14
CA TYR A 122 7.38 -13.51 -15.71
C TYR A 122 6.86 -12.12 -16.11
N GLY A 123 6.84 -11.21 -15.15
CA GLY A 123 6.37 -9.86 -15.40
C GLY A 123 5.74 -9.20 -14.19
N ILE A 124 5.57 -7.89 -14.28
CA ILE A 124 4.96 -7.09 -13.22
C ILE A 124 3.47 -7.04 -13.49
N GLU A 125 2.69 -7.46 -12.48
CA GLU A 125 1.22 -7.50 -12.52
C GLU A 125 0.76 -8.34 -13.73
N ASP A 126 -0.11 -7.81 -14.58
CA ASP A 126 -0.58 -8.51 -15.79
C ASP A 126 -0.10 -7.81 -17.06
N THR A 127 0.94 -7.01 -16.92
CA THR A 127 1.48 -6.22 -18.03
C THR A 127 2.52 -6.90 -18.93
N GLY A 128 3.22 -7.90 -18.39
CA GLY A 128 4.26 -8.59 -19.16
C GLY A 128 5.59 -7.83 -19.14
N ILE A 129 5.59 -6.67 -18.48
CA ILE A 129 6.77 -5.82 -18.33
C ILE A 129 7.64 -6.44 -17.23
N ARG A 130 8.89 -6.70 -17.58
CA ARG A 130 9.84 -7.32 -16.66
C ARG A 130 10.80 -6.31 -16.05
N ALA A 131 11.08 -6.51 -14.77
CA ALA A 131 12.00 -5.65 -14.04
C ALA A 131 13.45 -5.90 -14.47
N GLY A 132 14.23 -4.83 -14.53
CA GLY A 132 15.64 -4.93 -14.91
C GLY A 132 16.59 -4.57 -13.77
N ILE A 133 16.04 -4.32 -12.59
CA ILE A 133 16.83 -3.96 -11.39
C ILE A 133 16.04 -4.32 -10.12
N ILE A 134 16.74 -4.60 -9.02
CA ILE A 134 16.10 -4.91 -7.74
C ILE A 134 16.44 -3.79 -6.74
N KCX A 135 15.42 -3.12 -6.21
CA KCX A 135 15.62 -2.01 -5.27
CB KCX A 135 14.66 -0.86 -5.66
CG KCX A 135 14.63 0.26 -4.63
CD KCX A 135 15.98 0.95 -4.47
CE KCX A 135 15.87 2.14 -3.51
NZ KCX A 135 14.93 3.12 -4.05
C KCX A 135 15.30 -2.46 -3.84
O KCX A 135 14.30 -3.14 -3.59
CX KCX A 135 14.85 4.37 -3.59
OQ1 KCX A 135 15.62 4.70 -2.66
OQ2 KCX A 135 14.04 5.15 -4.13
N VAL A 136 16.25 -2.23 -2.92
CA VAL A 136 16.08 -2.58 -1.51
C VAL A 136 16.42 -1.37 -0.64
N ALA A 137 16.09 -1.44 0.65
CA ALA A 137 16.32 -0.31 1.55
C ALA A 137 16.52 -0.59 3.03
N THR A 138 17.32 0.29 3.64
CA THR A 138 17.56 0.31 5.09
C THR A 138 17.63 1.80 5.45
N THR A 139 17.26 2.12 6.70
CA THR A 139 17.29 3.48 7.23
C THR A 139 17.92 3.34 8.62
N GLY A 140 19.22 3.09 8.63
CA GLY A 140 19.94 2.88 9.87
C GLY A 140 20.15 1.38 9.96
N LYS A 141 20.21 0.85 11.19
CA LYS A 141 20.37 -0.60 11.42
C LYS A 141 19.18 -1.35 10.84
N ALA A 142 19.47 -2.37 10.05
CA ALA A 142 18.45 -3.19 9.40
C ALA A 142 17.54 -3.91 10.40
N THR A 143 16.25 -3.88 10.10
CA THR A 143 15.21 -4.55 10.91
C THR A 143 15.25 -6.02 10.46
N PRO A 144 14.77 -6.98 11.30
CA PRO A 144 14.80 -8.38 10.86
C PRO A 144 14.19 -8.63 9.49
N PHE A 145 13.18 -7.83 9.14
CA PHE A 145 12.51 -7.95 7.84
C PHE A 145 13.40 -7.42 6.69
N GLN A 146 14.05 -6.28 6.91
CA GLN A 146 14.92 -5.69 5.90
C GLN A 146 16.08 -6.62 5.53
N GLU A 147 16.50 -7.44 6.50
CA GLU A 147 17.55 -8.43 6.31
C GLU A 147 17.06 -9.52 5.34
N LEU A 148 15.81 -9.93 5.49
CA LEU A 148 15.18 -10.94 4.63
C LEU A 148 14.99 -10.43 3.21
N VAL A 149 14.79 -9.11 3.07
CA VAL A 149 14.60 -8.46 1.77
C VAL A 149 15.94 -8.42 1.03
N LEU A 150 17.02 -8.08 1.77
CA LEU A 150 18.37 -8.01 1.20
C LEU A 150 18.84 -9.40 0.75
N ARG A 151 18.51 -10.42 1.55
CA ARG A 151 18.86 -11.82 1.24
C ARG A 151 18.07 -12.32 0.05
N ALA A 152 16.79 -11.95 -0.01
CA ALA A 152 15.91 -12.35 -1.11
C ALA A 152 16.31 -11.66 -2.42
N ALA A 153 16.79 -10.41 -2.30
CA ALA A 153 17.27 -9.63 -3.44
C ALA A 153 18.52 -10.25 -4.03
N ALA A 154 19.41 -10.71 -3.13
CA ALA A 154 20.67 -11.36 -3.50
C ALA A 154 20.42 -12.68 -4.23
N ARG A 155 19.45 -13.45 -3.74
CA ARG A 155 19.10 -14.74 -4.33
C ARG A 155 18.42 -14.58 -5.68
N ALA A 156 17.67 -13.48 -5.82
CA ALA A 156 16.96 -13.16 -7.06
C ALA A 156 17.96 -12.70 -8.11
N SER A 157 18.99 -12.00 -7.65
CA SER A 157 20.06 -11.49 -8.50
C SER A 157 20.96 -12.63 -8.99
N LEU A 158 21.28 -13.57 -8.11
CA LEU A 158 22.13 -14.71 -8.46
C LEU A 158 21.50 -15.64 -9.49
N ALA A 159 20.17 -15.73 -9.44
CA ALA A 159 19.39 -16.57 -10.35
C ALA A 159 19.09 -15.94 -11.71
N THR A 160 19.18 -14.61 -11.80
CA THR A 160 18.86 -13.90 -13.04
C THR A 160 19.96 -13.02 -13.64
N GLY A 161 20.90 -12.59 -12.80
CA GLY A 161 21.98 -11.71 -13.26
C GLY A 161 21.60 -10.24 -13.15
N VAL A 162 20.37 -9.99 -12.74
CA VAL A 162 19.81 -8.64 -12.58
C VAL A 162 20.48 -7.91 -11.40
N PRO A 163 20.90 -6.64 -11.60
CA PRO A 163 21.55 -5.89 -10.52
C PRO A 163 20.65 -5.48 -9.34
N VAL A 164 21.30 -5.14 -8.23
CA VAL A 164 20.63 -4.70 -7.01
C VAL A 164 21.06 -3.27 -6.72
N THR A 165 20.12 -2.42 -6.36
CA THR A 165 20.42 -1.03 -5.99
C THR A 165 19.77 -0.77 -4.64
N THR A 166 20.44 0.04 -3.82
CA THR A 166 19.93 0.31 -2.48
C THR A 166 19.65 1.77 -2.11
N HIS A 167 18.84 1.93 -1.07
CA HIS A 167 18.51 3.22 -0.46
C HIS A 167 19.27 3.06 0.86
N THR A 168 20.00 4.10 1.25
CA THR A 168 20.74 4.09 2.51
C THR A 168 20.54 5.39 3.29
N ALA A 169 20.91 5.32 4.56
CA ALA A 169 20.94 6.48 5.47
C ALA A 169 22.48 6.51 5.51
N ALA A 170 23.06 7.18 4.50
CA ALA A 170 24.51 7.29 4.30
C ALA A 170 25.33 7.82 5.48
N SER A 171 24.70 8.63 6.33
CA SER A 171 25.37 9.19 7.51
C SER A 171 25.57 8.13 8.59
N GLN A 172 24.76 7.07 8.53
CA GLN A 172 24.81 5.95 9.46
C GLN A 172 25.58 4.75 8.87
N ARG A 173 26.22 4.98 7.72
CA ARG A 173 27.03 3.99 7.00
C ARG A 173 26.36 2.64 6.68
N ASP A 174 25.08 2.69 6.33
CA ASP A 174 24.25 1.51 6.02
C ASP A 174 24.81 0.54 4.99
N GLY A 175 25.53 1.10 4.00
CA GLY A 175 26.13 0.31 2.94
C GLY A 175 27.02 -0.82 3.39
N GLU A 176 27.64 -0.66 4.56
CA GLU A 176 28.52 -1.68 5.13
C GLU A 176 27.77 -2.89 5.64
N GLN A 177 26.61 -2.67 6.26
CA GLN A 177 25.77 -3.75 6.75
C GLN A 177 25.09 -4.45 5.57
N GLN A 178 24.68 -3.67 4.57
CA GLN A 178 24.04 -4.21 3.36
C GLN A 178 25.03 -5.07 2.61
N ALA A 179 26.26 -4.57 2.48
CA ALA A 179 27.36 -5.26 1.81
C ALA A 179 27.70 -6.60 2.45
N ALA A 180 27.69 -6.62 3.79
CA ALA A 180 27.98 -7.81 4.58
C ALA A 180 26.94 -8.91 4.37
N ILE A 181 25.67 -8.49 4.30
CA ILE A 181 24.56 -9.42 4.10
C ILE A 181 24.55 -9.96 2.66
N PHE A 182 24.82 -9.09 1.69
CA PHE A 182 24.88 -9.47 0.27
C PHE A 182 25.98 -10.51 0.01
N GLU A 183 27.15 -10.28 0.61
CA GLU A 183 28.31 -11.16 0.48
C GLU A 183 28.17 -12.50 1.19
N SER A 184 27.34 -12.54 2.24
CA SER A 184 27.07 -13.78 3.00
C SER A 184 26.18 -14.72 2.18
N GLU A 185 25.54 -14.15 1.15
CA GLU A 185 24.68 -14.86 0.22
C GLU A 185 25.42 -15.20 -1.07
N GLY A 186 26.68 -14.77 -1.15
CA GLY A 186 27.50 -15.05 -2.32
C GLY A 186 27.37 -14.10 -3.50
N LEU A 187 26.70 -12.97 -3.29
CA LEU A 187 26.51 -11.98 -4.36
C LEU A 187 27.77 -11.16 -4.59
N SER A 188 28.12 -10.99 -5.87
CA SER A 188 29.29 -10.23 -6.27
C SER A 188 29.04 -8.73 -6.10
N PRO A 189 30.02 -7.99 -5.52
CA PRO A 189 29.91 -6.54 -5.31
C PRO A 189 29.63 -5.71 -6.58
N SER A 190 30.05 -6.25 -7.72
CA SER A 190 29.88 -5.63 -9.04
C SER A 190 28.41 -5.62 -9.52
N ARG A 191 27.54 -6.33 -8.79
CA ARG A 191 26.11 -6.38 -9.10
C ARG A 191 25.29 -5.48 -8.16
N VAL A 192 25.99 -4.78 -7.26
CA VAL A 192 25.33 -3.91 -6.28
C VAL A 192 25.74 -2.44 -6.30
N CYS A 193 24.73 -1.58 -6.18
CA CYS A 193 24.94 -0.14 -6.09
C CYS A 193 24.45 0.34 -4.73
N ILE A 194 25.34 0.95 -3.97
CA ILE A 194 25.02 1.51 -2.66
C ILE A 194 24.54 2.92 -2.97
N GLY A 195 23.21 3.10 -2.95
CA GLY A 195 22.61 4.40 -3.26
C GLY A 195 22.61 5.43 -2.16
N HIS A 196 22.22 6.66 -2.51
CA HIS A 196 22.16 7.84 -1.62
C HIS A 196 23.50 8.12 -0.94
N SER A 197 24.57 7.68 -1.58
CA SER A 197 25.93 7.83 -1.07
C SER A 197 26.48 9.25 -1.10
N ASP A 198 25.76 10.14 -1.78
CA ASP A 198 26.14 11.55 -1.84
C ASP A 198 25.55 12.33 -0.66
N ASP A 199 24.82 11.62 0.22
CA ASP A 199 24.23 12.22 1.42
C ASP A 199 25.28 12.35 2.54
N THR A 200 26.50 11.90 2.26
CA THR A 200 27.61 11.96 3.23
C THR A 200 28.91 12.50 2.60
N ASP A 201 29.77 13.07 3.46
CA ASP A 201 31.05 13.60 3.03
C ASP A 201 32.19 12.68 3.45
N ASP A 202 31.84 11.57 4.11
CA ASP A 202 32.78 10.56 4.60
C ASP A 202 33.35 9.77 3.41
N LEU A 203 34.45 10.29 2.88
CA LEU A 203 35.16 9.71 1.75
C LEU A 203 35.81 8.36 2.06
N SER A 204 36.12 8.13 3.34
CA SER A 204 36.72 6.88 3.80
C SER A 204 35.74 5.72 3.63
N TYR A 205 34.46 6.00 3.91
CA TYR A 205 33.36 5.05 3.77
C TYR A 205 33.10 4.71 2.29
N LEU A 206 33.06 5.75 1.45
CA LEU A 206 32.82 5.59 0.00
C LEU A 206 33.92 4.86 -0.76
N THR A 207 35.18 5.19 -0.48
CA THR A 207 36.34 4.56 -1.15
C THR A 207 36.53 3.09 -0.80
N ALA A 208 36.19 2.73 0.44
CA ALA A 208 36.32 1.36 0.93
C ALA A 208 35.31 0.42 0.27
N LEU A 209 34.09 0.93 0.04
CA LEU A 209 33.04 0.16 -0.63
C LEU A 209 33.40 0.05 -2.11
N ALA A 210 33.94 1.14 -2.67
CA ALA A 210 34.36 1.21 -4.07
C ALA A 210 35.54 0.27 -4.36
N ALA A 211 36.43 0.13 -3.37
CA ALA A 211 37.62 -0.75 -3.46
C ALA A 211 37.24 -2.23 -3.50
N ARG A 212 36.07 -2.55 -2.92
CA ARG A 212 35.57 -3.91 -2.87
C ARG A 212 34.82 -4.30 -4.15
N GLY A 213 34.59 -3.32 -5.02
CA GLY A 213 33.91 -3.57 -6.29
C GLY A 213 32.49 -3.04 -6.38
N TYR A 214 31.99 -2.43 -5.29
CA TYR A 214 30.64 -1.87 -5.25
C TYR A 214 30.51 -0.61 -6.09
N LEU A 215 29.33 -0.46 -6.69
CA LEU A 215 29.02 0.73 -7.47
C LEU A 215 28.50 1.70 -6.42
N ILE A 216 28.93 2.95 -6.53
CA ILE A 216 28.57 4.01 -5.60
C ILE A 216 27.53 4.92 -6.25
N GLY A 217 26.36 4.99 -5.61
CA GLY A 217 25.27 5.81 -6.09
C GLY A 217 25.23 7.23 -5.58
N LEU A 218 25.84 8.14 -6.35
CA LEU A 218 25.87 9.57 -6.03
C LEU A 218 24.67 10.09 -6.82
N ASP A 219 23.51 9.74 -6.27
CA ASP A 219 22.22 9.97 -6.88
C ASP A 219 21.26 11.10 -6.52
N GLY A 220 21.66 12.01 -5.64
CA GLY A 220 20.74 13.09 -5.28
C GLY A 220 21.39 14.45 -5.40
N ILE A 221 22.16 14.65 -6.47
CA ILE A 221 22.89 15.90 -6.69
C ILE A 221 22.08 17.22 -6.57
N PRO A 222 20.86 17.33 -7.14
CA PRO A 222 20.15 18.61 -6.96
C PRO A 222 19.45 18.86 -5.61
N TRP A 223 19.45 17.86 -4.73
CA TRP A 223 18.80 17.97 -3.42
C TRP A 223 19.54 18.87 -2.42
N SER A 224 19.05 20.10 -2.28
CA SER A 224 19.60 21.13 -1.39
C SER A 224 18.50 22.08 -0.92
N ALA A 225 18.51 22.39 0.37
CA ALA A 225 17.53 23.31 0.97
C ALA A 225 18.09 24.69 1.29
N ILE A 226 19.26 25.02 0.72
CA ILE A 226 19.90 26.32 0.94
C ILE A 226 19.10 27.49 0.37
N GLY A 227 18.77 28.43 1.26
CA GLY A 227 17.99 29.61 0.90
C GLY A 227 16.59 29.53 1.45
N LEU A 228 15.98 28.36 1.33
CA LEU A 228 14.62 28.10 1.80
C LEU A 228 14.54 27.35 3.15
N GLU A 229 15.65 27.29 3.88
CA GLU A 229 15.66 26.63 5.19
C GLU A 229 15.00 27.48 6.28
N ASP A 230 13.70 27.28 6.38
CA ASP A 230 12.72 27.91 7.30
C ASP A 230 11.60 26.88 7.35
N ASN A 231 11.51 26.11 6.27
CA ASN A 231 10.54 25.04 6.05
C ASN A 231 11.22 23.76 6.59
N ALA A 232 10.76 23.31 7.75
CA ALA A 232 11.29 22.13 8.45
C ALA A 232 11.12 20.82 7.67
N SER A 233 10.01 20.71 6.95
CA SER A 233 9.70 19.52 6.15
C SER A 233 10.57 19.42 4.90
N ALA A 234 10.89 20.57 4.29
CA ALA A 234 11.74 20.62 3.10
C ALA A 234 13.22 20.42 3.47
N SER A 235 13.62 20.99 4.61
CA SER A 235 15.00 20.89 5.10
C SER A 235 15.40 19.49 5.56
N ALA A 236 14.42 18.74 6.07
CA ALA A 236 14.62 17.38 6.55
C ALA A 236 14.86 16.37 5.43
N ILE A 237 14.28 16.62 4.26
CA ILE A 237 14.42 15.72 3.11
C ILE A 237 15.51 16.13 2.11
N LEU A 238 15.65 17.43 1.88
CA LEU A 238 16.63 17.97 0.94
C LEU A 238 18.05 18.06 1.51
N GLY A 239 18.16 18.46 2.78
CA GLY A 239 19.45 18.59 3.43
C GLY A 239 20.01 19.99 3.28
N ASN A 240 21.02 20.32 4.10
CA ASN A 240 21.64 21.64 4.07
C ASN A 240 22.95 21.74 3.28
N ARG A 241 23.27 20.68 2.56
CA ARG A 241 24.48 20.64 1.72
C ARG A 241 24.13 21.03 0.29
N SER A 242 24.96 21.88 -0.30
CA SER A 242 24.78 22.38 -1.66
C SER A 242 24.96 21.31 -2.74
N TRP A 243 24.47 21.61 -3.95
CA TRP A 243 24.59 20.70 -5.08
C TRP A 243 26.04 20.52 -5.48
N GLN A 244 26.83 21.59 -5.30
CA GLN A 244 28.26 21.60 -5.60
C GLN A 244 29.02 20.64 -4.70
N THR A 245 28.68 20.63 -3.41
CA THR A 245 29.30 19.74 -2.40
C THR A 245 29.06 18.27 -2.77
N ARG A 246 27.82 17.97 -3.17
CA ARG A 246 27.43 16.62 -3.59
C ARG A 246 28.12 16.22 -4.90
N ALA A 247 28.29 17.20 -5.78
CA ALA A 247 28.93 17.00 -7.08
C ALA A 247 30.45 16.84 -6.99
N LEU A 248 31.07 17.46 -5.97
CA LEU A 248 32.52 17.37 -5.77
C LEU A 248 32.96 15.97 -5.32
N LEU A 249 32.00 15.16 -4.90
CA LEU A 249 32.24 13.78 -4.47
C LEU A 249 32.47 12.89 -5.68
N ILE A 250 31.97 13.31 -6.85
CA ILE A 250 32.16 12.60 -8.11
C ILE A 250 33.63 12.80 -8.50
N LYS A 251 34.11 14.04 -8.35
CA LYS A 251 35.50 14.42 -8.65
C LYS A 251 36.45 13.71 -7.69
N ALA A 252 36.06 13.65 -6.41
CA ALA A 252 36.85 13.02 -5.34
C ALA A 252 37.06 11.52 -5.56
N LEU A 253 36.03 10.83 -6.04
CA LEU A 253 36.13 9.40 -6.31
C LEU A 253 36.92 9.09 -7.59
N ILE A 254 36.90 10.02 -8.55
CA ILE A 254 37.67 9.89 -9.80
C ILE A 254 39.16 10.08 -9.45
N ASP A 255 39.45 11.15 -8.69
CA ASP A 255 40.81 11.52 -8.26
C ASP A 255 41.53 10.44 -7.46
N GLN A 256 40.76 9.51 -6.88
CA GLN A 256 41.29 8.40 -6.11
C GLN A 256 41.29 7.07 -6.89
N GLY A 257 41.04 7.18 -8.20
CA GLY A 257 41.05 6.02 -9.09
C GLY A 257 39.83 5.11 -9.15
N TYR A 258 38.67 5.62 -8.75
CA TYR A 258 37.43 4.83 -8.75
C TYR A 258 36.37 5.34 -9.74
N MET A 259 36.80 5.79 -10.92
CA MET A 259 35.87 6.29 -11.95
C MET A 259 34.90 5.22 -12.47
N LYS A 260 35.35 3.96 -12.43
CA LYS A 260 34.56 2.82 -12.87
C LYS A 260 33.50 2.40 -11.85
N GLN A 261 33.55 2.97 -10.65
CA GLN A 261 32.59 2.61 -9.59
C GLN A 261 31.50 3.66 -9.35
N ILE A 262 31.51 4.74 -10.12
CA ILE A 262 30.55 5.83 -9.96
C ILE A 262 29.30 5.76 -10.85
N LEU A 263 28.14 6.02 -10.23
CA LEU A 263 26.83 6.08 -10.90
C LEU A 263 26.18 7.37 -10.41
N VAL A 264 25.87 8.26 -11.34
CA VAL A 264 25.27 9.56 -11.03
C VAL A 264 23.80 9.64 -11.48
N SER A 265 22.98 10.34 -10.69
CA SER A 265 21.56 10.53 -10.97
C SER A 265 21.00 11.72 -10.21
N ASN A 266 19.71 12.00 -10.38
CA ASN A 266 19.04 13.13 -9.73
C ASN A 266 18.12 12.76 -8.59
N ASP A 267 17.59 11.53 -8.64
CA ASP A 267 16.59 11.00 -7.69
C ASP A 267 15.37 11.93 -7.78
N TRP A 268 15.04 12.26 -9.02
CA TRP A 268 13.93 13.15 -9.28
C TRP A 268 12.61 12.41 -9.46
N THR A 269 11.53 13.18 -9.51
CA THR A 269 10.18 12.66 -9.65
C THR A 269 9.26 13.75 -10.22
N PHE A 270 8.09 13.35 -10.70
CA PHE A 270 7.11 14.28 -11.24
C PHE A 270 5.87 14.32 -10.37
N GLY A 271 5.78 13.34 -9.47
CA GLY A 271 4.67 13.21 -8.54
C GLY A 271 5.28 12.72 -7.24
N PHE A 272 4.78 13.23 -6.11
CA PHE A 272 5.31 12.84 -4.81
C PHE A 272 4.22 12.89 -3.75
N SER A 273 3.71 11.71 -3.39
CA SER A 273 2.67 11.60 -2.37
C SER A 273 3.14 11.02 -1.05
N SER A 274 4.27 10.32 -1.06
CA SER A 274 4.83 9.70 0.15
C SER A 274 5.56 10.68 1.09
N TYR A 275 5.16 11.95 1.02
CA TYR A 275 5.68 13.01 1.87
C TYR A 275 4.59 14.09 2.03
N VAL A 276 4.93 15.22 2.66
CA VAL A 276 3.98 16.31 2.88
C VAL A 276 3.39 16.88 1.58
N THR A 277 2.18 17.42 1.68
CA THR A 277 1.49 18.02 0.53
C THR A 277 2.30 19.21 0.00
N ASN A 278 2.25 19.37 -1.33
CA ASN A 278 2.95 20.44 -2.07
C ASN A 278 4.48 20.40 -2.04
N ILE A 279 5.05 19.24 -1.70
CA ILE A 279 6.52 19.05 -1.68
C ILE A 279 7.04 19.11 -3.13
N MET A 280 6.17 18.73 -4.06
CA MET A 280 6.48 18.74 -5.48
C MET A 280 6.70 20.16 -6.01
N ASP A 281 5.93 21.11 -5.47
CA ASP A 281 6.02 22.52 -5.84
C ASP A 281 7.35 23.10 -5.33
N VAL A 282 7.75 22.65 -4.15
CA VAL A 282 8.99 23.07 -3.50
C VAL A 282 10.20 22.54 -4.27
N LEU A 283 10.11 21.26 -4.65
CA LEU A 283 11.18 20.59 -5.40
C LEU A 283 11.40 21.20 -6.79
N ASP A 284 10.31 21.51 -7.48
CA ASP A 284 10.38 22.10 -8.82
C ASP A 284 10.93 23.54 -8.84
N ARG A 285 10.92 24.20 -7.68
CA ARG A 285 11.45 25.56 -7.55
C ARG A 285 12.95 25.53 -7.27
N VAL A 286 13.38 24.50 -6.53
CA VAL A 286 14.80 24.28 -6.17
C VAL A 286 15.59 23.82 -7.41
N ASN A 287 14.96 22.96 -8.20
CA ASN A 287 15.56 22.43 -9.40
C ASN A 287 14.55 22.42 -10.56
N PRO A 288 14.44 23.55 -11.30
CA PRO A 288 13.51 23.64 -12.44
C PRO A 288 13.96 22.81 -13.65
N ASP A 289 15.20 22.33 -13.61
CA ASP A 289 15.79 21.50 -14.67
C ASP A 289 15.33 20.05 -14.56
N GLY A 290 14.96 19.63 -13.35
CA GLY A 290 14.49 18.28 -13.11
C GLY A 290 15.55 17.21 -13.37
N MET A 291 15.21 16.23 -14.21
CA MET A 291 16.13 15.16 -14.57
C MET A 291 17.24 15.62 -15.52
N ALA A 292 17.04 16.81 -16.09
CA ALA A 292 18.01 17.43 -16.99
C ALA A 292 19.13 18.12 -16.22
N PHE A 293 19.09 18.05 -14.88
CA PHE A 293 20.11 18.68 -14.03
C PHE A 293 21.52 18.10 -14.20
N ILE A 294 21.63 16.78 -14.35
CA ILE A 294 22.94 16.15 -14.53
C ILE A 294 23.66 16.55 -15.84
N PRO A 295 23.01 16.43 -17.03
CA PRO A 295 23.74 16.84 -18.24
C PRO A 295 23.91 18.35 -18.47
N LEU A 296 22.98 19.15 -17.94
CA LEU A 296 23.02 20.60 -18.10
C LEU A 296 23.85 21.38 -17.09
N ARG A 297 23.78 21.01 -15.81
CA ARG A 297 24.51 21.75 -14.77
C ARG A 297 25.69 21.04 -14.08
N VAL A 298 25.61 19.71 -13.92
CA VAL A 298 26.68 18.93 -13.27
C VAL A 298 27.85 18.58 -14.16
N ILE A 299 27.57 18.15 -15.39
CA ILE A 299 28.63 17.80 -16.34
C ILE A 299 29.51 19.02 -16.76
N PRO A 300 28.91 20.23 -16.97
CA PRO A 300 29.78 21.36 -17.33
C PRO A 300 30.58 21.84 -16.12
N PHE A 301 30.04 21.61 -14.91
CA PHE A 301 30.67 21.97 -13.63
C PHE A 301 31.95 21.15 -13.43
N LEU A 302 31.85 19.85 -13.68
CA LEU A 302 32.99 18.93 -13.55
C LEU A 302 34.03 19.15 -14.65
N ARG A 303 33.59 19.66 -15.80
CA ARG A 303 34.48 19.97 -16.93
C ARG A 303 35.30 21.22 -16.59
N GLU A 304 34.66 22.15 -15.86
CA GLU A 304 35.27 23.41 -15.43
C GLU A 304 36.30 23.17 -14.32
N LYS A 305 36.08 22.12 -13.52
CA LYS A 305 36.97 21.75 -12.42
C LYS A 305 38.16 20.87 -12.85
N GLY A 306 38.17 20.47 -14.13
CA GLY A 306 39.28 19.68 -14.66
C GLY A 306 39.08 18.22 -15.04
N VAL A 307 37.88 17.68 -14.83
CA VAL A 307 37.59 16.28 -15.16
C VAL A 307 37.41 16.11 -16.68
N PRO A 308 38.18 15.19 -17.32
CA PRO A 308 38.10 14.94 -18.77
C PRO A 308 36.73 14.46 -19.26
N GLN A 309 36.44 14.73 -20.53
CA GLN A 309 35.16 14.36 -21.17
C GLN A 309 34.93 12.86 -21.25
N GLU A 310 36.00 12.11 -21.52
CA GLU A 310 35.94 10.65 -21.66
C GLU A 310 35.61 9.89 -20.37
N THR A 311 36.04 10.39 -19.23
CA THR A 311 35.74 9.74 -17.95
C THR A 311 34.31 10.06 -17.52
N LEU A 312 33.81 11.22 -17.92
CA LEU A 312 32.43 11.65 -17.62
C LEU A 312 31.46 10.86 -18.48
N ALA A 313 31.89 10.54 -19.71
CA ALA A 313 31.11 9.75 -20.65
C ALA A 313 31.16 8.29 -20.17
N GLY A 314 32.28 7.92 -19.54
CA GLY A 314 32.44 6.57 -19.00
C GLY A 314 31.55 6.36 -17.77
N ILE A 315 31.30 7.44 -17.03
CA ILE A 315 30.46 7.41 -15.83
C ILE A 315 28.98 7.39 -16.18
N THR A 316 28.61 8.14 -17.21
CA THR A 316 27.21 8.25 -17.63
C THR A 316 26.74 7.24 -18.69
N VAL A 317 27.68 6.59 -19.38
CA VAL A 317 27.36 5.61 -20.42
C VAL A 317 27.90 4.20 -20.12
N THR A 318 29.21 4.06 -19.97
CA THR A 318 29.86 2.76 -19.71
C THR A 318 29.53 2.07 -18.39
N ASN A 319 29.62 2.80 -17.27
CA ASN A 319 29.31 2.23 -15.95
C ASN A 319 27.86 1.73 -15.84
N PRO A 320 26.85 2.52 -16.29
CA PRO A 320 25.47 2.02 -16.19
C PRO A 320 25.20 0.79 -17.07
N ALA A 321 25.84 0.76 -18.25
CA ALA A 321 25.69 -0.35 -19.21
C ALA A 321 26.24 -1.66 -18.63
N ARG A 322 27.39 -1.56 -17.97
CA ARG A 322 28.07 -2.70 -17.34
C ARG A 322 27.29 -3.18 -16.11
N PHE A 323 26.68 -2.22 -15.40
CA PHE A 323 25.88 -2.50 -14.21
C PHE A 323 24.54 -3.16 -14.53
N LEU A 324 23.80 -2.58 -15.48
CA LEU A 324 22.49 -3.08 -15.88
C LEU A 324 22.50 -4.39 -16.68
N SER A 325 23.60 -4.65 -17.40
CA SER A 325 23.76 -5.87 -18.20
C SER A 325 23.72 -7.11 -17.31
N PRO A 326 22.80 -8.06 -17.59
CA PRO A 326 22.69 -9.29 -16.78
C PRO A 326 23.90 -10.21 -16.91
N THR A 327 24.54 -10.47 -15.76
CA THR A 327 25.72 -11.35 -15.68
C THR A 327 25.78 -12.11 -14.37
N ASP B 1 -33.92 3.21 -5.39
CA ASP B 1 -32.45 3.20 -5.64
C ASP B 1 -31.73 4.09 -4.60
N ARG B 2 -31.50 3.52 -3.41
CA ARG B 2 -30.84 4.26 -2.31
C ARG B 2 -29.48 3.74 -1.84
N ILE B 3 -29.33 2.42 -1.69
CA ILE B 3 -28.06 1.82 -1.23
C ILE B 3 -27.13 1.46 -2.39
N ASN B 4 -25.91 1.97 -2.36
CA ASN B 4 -24.90 1.71 -3.39
C ASN B 4 -24.23 0.35 -3.20
N THR B 5 -24.24 -0.45 -4.26
CA THR B 5 -23.59 -1.77 -4.24
C THR B 5 -22.60 -1.78 -5.39
N VAL B 6 -21.80 -2.85 -5.49
CA VAL B 6 -20.81 -2.99 -6.55
C VAL B 6 -21.38 -3.19 -7.95
N ARG B 7 -22.68 -3.47 -8.03
CA ARG B 7 -23.37 -3.65 -9.32
C ARG B 7 -24.39 -2.52 -9.55
N GLY B 8 -24.27 -1.45 -8.76
CA GLY B 8 -25.16 -0.31 -8.89
C GLY B 8 -26.10 -0.09 -7.70
N PRO B 9 -26.99 0.92 -7.74
CA PRO B 9 -27.91 1.15 -6.61
C PRO B 9 -29.08 0.17 -6.50
N ILE B 10 -29.44 -0.16 -5.25
CA ILE B 10 -30.57 -1.05 -4.95
C ILE B 10 -31.47 -0.39 -3.90
N THR B 11 -32.71 -0.86 -3.82
CA THR B 11 -33.68 -0.33 -2.86
C THR B 11 -33.53 -1.05 -1.51
N ILE B 12 -34.23 -0.52 -0.50
CA ILE B 12 -34.24 -1.07 0.87
C ILE B 12 -34.79 -2.50 0.90
N SER B 13 -35.78 -2.75 0.06
CA SER B 13 -36.46 -4.05 -0.06
C SER B 13 -35.56 -5.16 -0.61
N GLU B 14 -34.70 -4.78 -1.55
CA GLU B 14 -33.76 -5.70 -2.21
C GLU B 14 -32.63 -6.21 -1.32
N ALA B 15 -32.30 -5.44 -0.27
CA ALA B 15 -31.22 -5.78 0.65
C ALA B 15 -31.42 -7.12 1.37
N GLY B 16 -32.61 -7.32 1.94
CA GLY B 16 -32.94 -8.55 2.65
C GLY B 16 -31.99 -8.85 3.80
N PHE B 17 -31.72 -10.14 4.03
CA PHE B 17 -30.81 -10.62 5.08
C PHE B 17 -29.42 -10.07 4.71
N THR B 18 -28.87 -9.23 5.59
CA THR B 18 -27.59 -8.59 5.36
C THR B 18 -26.55 -8.81 6.46
N LEU B 19 -25.36 -9.23 6.02
CA LEU B 19 -24.21 -9.44 6.90
C LEU B 19 -23.43 -8.12 6.79
N THR B 20 -23.37 -7.39 7.90
CA THR B 20 -22.76 -6.06 7.96
C THR B 20 -21.24 -5.84 8.04
N HIS B 21 -20.48 -6.91 8.29
CA HIS B 21 -19.02 -6.81 8.40
C HIS B 21 -18.43 -8.10 7.87
N GLU B 22 -18.04 -8.09 6.58
CA GLU B 22 -17.44 -9.23 5.91
C GLU B 22 -16.30 -8.77 5.00
N HIS B 23 -15.54 -9.72 4.47
CA HIS B 23 -14.43 -9.45 3.53
C HIS B 23 -14.41 -10.55 2.48
N ILE B 24 -14.16 -10.19 1.23
CA ILE B 24 -14.03 -11.18 0.17
C ILE B 24 -12.58 -11.64 0.24
N CYS B 25 -11.70 -10.66 0.44
CA CYS B 25 -10.26 -10.89 0.54
C CYS B 25 -9.58 -9.82 1.40
N GLY B 26 -8.86 -10.27 2.42
CA GLY B 26 -8.12 -9.37 3.29
C GLY B 26 -6.69 -9.31 2.80
N SER B 27 -6.34 -8.20 2.17
CA SER B 27 -5.01 -8.05 1.61
C SER B 27 -4.38 -6.70 1.94
N SER B 28 -3.63 -6.15 0.97
CA SER B 28 -2.97 -4.85 1.08
C SER B 28 -3.15 -4.22 -0.28
N ALA B 29 -3.14 -2.88 -0.35
CA ALA B 29 -3.33 -2.15 -1.61
C ALA B 29 -2.39 -2.64 -2.73
N GLY B 30 -2.99 -2.98 -3.87
CA GLY B 30 -2.25 -3.46 -5.03
C GLY B 30 -1.68 -4.87 -4.98
N PHE B 31 -1.77 -5.53 -3.82
CA PHE B 31 -1.23 -6.87 -3.62
C PHE B 31 -1.76 -7.98 -4.52
N LEU B 32 -3.07 -8.09 -4.64
CA LEU B 32 -3.71 -9.11 -5.48
C LEU B 32 -3.35 -8.91 -6.95
N HIS B 33 -3.20 -7.64 -7.35
CA HIS B 33 -2.85 -7.28 -8.71
C HIS B 33 -1.38 -7.64 -9.02
N ALA B 34 -0.50 -7.46 -8.03
CA ALA B 34 0.94 -7.74 -8.21
C ALA B 34 1.40 -9.16 -7.93
N TRP B 35 0.68 -9.86 -7.05
CA TRP B 35 1.05 -11.23 -6.70
C TRP B 35 -0.19 -12.13 -6.53
N PRO B 36 -0.89 -12.43 -7.65
CA PRO B 36 -2.08 -13.29 -7.51
C PRO B 36 -1.77 -14.76 -7.22
N GLU B 37 -0.53 -15.21 -7.50
CA GLU B 37 -0.10 -16.59 -7.25
C GLU B 37 -0.03 -16.91 -5.77
N PHE B 38 0.01 -15.86 -4.95
CA PHE B 38 0.03 -16.01 -3.49
C PHE B 38 -1.28 -16.69 -3.04
N PHE B 39 -2.36 -16.44 -3.78
CA PHE B 39 -3.68 -17.01 -3.50
C PHE B 39 -3.95 -18.19 -4.44
N GLY B 40 -2.88 -18.73 -5.03
CA GLY B 40 -2.99 -19.83 -5.99
C GLY B 40 -3.00 -19.17 -7.36
N SER B 41 -4.06 -18.41 -7.61
CA SER B 41 -4.28 -17.63 -8.83
C SER B 41 -5.46 -16.72 -8.50
N ARG B 42 -5.75 -15.77 -9.40
CA ARG B 42 -6.88 -14.86 -9.22
C ARG B 42 -8.16 -15.67 -9.46
N LYS B 43 -8.09 -16.59 -10.43
CA LYS B 43 -9.22 -17.47 -10.80
C LYS B 43 -9.62 -18.39 -9.65
N ALA B 44 -8.62 -18.85 -8.87
CA ALA B 44 -8.85 -19.73 -7.73
C ALA B 44 -9.51 -18.97 -6.57
N LEU B 45 -9.12 -17.70 -6.38
CA LEU B 45 -9.70 -16.86 -5.33
C LEU B 45 -11.15 -16.51 -5.67
N VAL B 46 -11.40 -16.23 -6.96
CA VAL B 46 -12.75 -15.89 -7.45
C VAL B 46 -13.67 -17.11 -7.23
N GLU B 47 -13.21 -18.29 -7.62
CA GLU B 47 -13.97 -19.54 -7.49
C GLU B 47 -14.30 -19.88 -6.05
N LYS B 48 -13.35 -19.63 -5.13
CA LYS B 48 -13.54 -19.89 -3.70
C LYS B 48 -14.55 -18.90 -3.12
N ALA B 49 -14.48 -17.65 -3.60
CA ALA B 49 -15.37 -16.58 -3.15
C ALA B 49 -16.80 -16.79 -3.62
N VAL B 50 -16.94 -17.20 -4.88
CA VAL B 50 -18.25 -17.45 -5.48
C VAL B 50 -18.96 -18.62 -4.77
N ARG B 51 -18.22 -19.70 -4.50
CA ARG B 51 -18.77 -20.88 -3.81
C ARG B 51 -19.16 -20.54 -2.38
N GLY B 52 -18.34 -19.68 -1.76
CA GLY B 52 -18.58 -19.25 -0.39
C GLY B 52 -19.79 -18.35 -0.28
N LEU B 53 -19.97 -17.46 -1.25
CA LEU B 53 -21.11 -16.55 -1.26
C LEU B 53 -22.40 -17.25 -1.65
N ARG B 54 -22.29 -18.27 -2.50
CA ARG B 54 -23.44 -19.08 -2.93
C ARG B 54 -23.95 -19.92 -1.76
N ARG B 55 -23.01 -20.33 -0.89
CA ARG B 55 -23.32 -21.11 0.31
C ARG B 55 -24.07 -20.21 1.28
N ALA B 56 -23.62 -18.95 1.40
CA ALA B 56 -24.25 -17.97 2.28
C ALA B 56 -25.65 -17.61 1.76
N ARG B 57 -25.80 -17.57 0.43
CA ARG B 57 -27.08 -17.25 -0.23
C ARG B 57 -28.12 -18.35 -0.01
N ALA B 58 -27.68 -19.61 -0.07
CA ALA B 58 -28.53 -20.78 0.12
C ALA B 58 -28.99 -20.88 1.57
N ALA B 59 -28.22 -20.24 2.45
CA ALA B 59 -28.49 -20.19 3.87
C ALA B 59 -29.37 -18.99 4.24
N GLY B 60 -29.74 -18.19 3.23
CA GLY B 60 -30.61 -17.04 3.46
C GLY B 60 -30.05 -15.64 3.25
N VAL B 61 -28.73 -15.50 3.13
CA VAL B 61 -28.11 -14.16 2.94
C VAL B 61 -28.35 -13.61 1.53
N ARG B 62 -28.72 -12.33 1.46
CA ARG B 62 -28.96 -11.66 0.19
C ARG B 62 -27.96 -10.54 -0.09
N THR B 63 -27.42 -9.96 0.99
CA THR B 63 -26.43 -8.88 0.89
C THR B 63 -25.33 -9.02 1.93
N ILE B 64 -24.10 -8.69 1.53
CA ILE B 64 -22.98 -8.67 2.46
C ILE B 64 -22.34 -7.28 2.31
N VAL B 65 -21.75 -6.78 3.38
CA VAL B 65 -21.08 -5.49 3.33
C VAL B 65 -19.59 -5.79 3.48
N ASP B 66 -18.87 -5.65 2.37
CA ASP B 66 -17.43 -5.86 2.38
C ASP B 66 -16.78 -4.59 2.94
N VAL B 67 -16.27 -4.70 4.16
CA VAL B 67 -15.65 -3.56 4.83
C VAL B 67 -14.16 -3.36 4.55
N SER B 68 -13.68 -4.00 3.48
CA SER B 68 -12.28 -3.89 3.08
C SER B 68 -12.04 -2.50 2.51
N THR B 69 -11.07 -1.82 3.09
CA THR B 69 -10.72 -0.48 2.67
C THR B 69 -9.57 -0.55 1.68
N PHE B 70 -9.15 0.63 1.21
CA PHE B 70 -8.03 0.79 0.29
C PHE B 70 -6.79 0.01 0.76
N ASP B 71 -6.41 0.22 2.03
CA ASP B 71 -5.24 -0.41 2.62
C ASP B 71 -5.43 -1.87 3.07
N CYS B 72 -6.69 -2.33 3.03
CA CYS B 72 -7.05 -3.69 3.37
C CYS B 72 -7.13 -4.49 2.05
N GLY B 73 -6.63 -3.88 0.97
CA GLY B 73 -6.60 -4.52 -0.34
C GLY B 73 -7.84 -4.68 -1.17
N ARG B 74 -8.85 -3.88 -0.86
CA ARG B 74 -10.12 -3.88 -1.58
C ARG B 74 -9.93 -3.75 -3.10
N ASP B 75 -10.53 -4.69 -3.82
CA ASP B 75 -10.48 -4.73 -5.27
C ASP B 75 -11.95 -4.84 -5.66
N VAL B 76 -12.57 -3.69 -5.94
CA VAL B 76 -13.98 -3.64 -6.32
C VAL B 76 -14.34 -4.40 -7.60
N SER B 77 -13.36 -4.58 -8.49
CA SER B 77 -13.59 -5.31 -9.74
C SER B 77 -13.76 -6.82 -9.43
N LEU B 78 -13.10 -7.28 -8.36
CA LEU B 78 -13.19 -8.65 -7.88
C LEU B 78 -14.55 -8.80 -7.18
N LEU B 79 -14.89 -7.80 -6.36
CA LEU B 79 -16.17 -7.75 -5.63
C LEU B 79 -17.35 -7.76 -6.62
N ALA B 80 -17.18 -7.06 -7.75
CA ALA B 80 -18.20 -7.00 -8.81
C ALA B 80 -18.37 -8.34 -9.51
N GLU B 81 -17.24 -9.01 -9.77
CA GLU B 81 -17.23 -10.32 -10.44
C GLU B 81 -17.85 -11.42 -9.58
N VAL B 82 -17.48 -11.47 -8.31
CA VAL B 82 -18.00 -12.49 -7.40
C VAL B 82 -19.48 -12.27 -7.05
N SER B 83 -19.90 -10.99 -7.06
CA SER B 83 -21.28 -10.59 -6.78
C SER B 83 -22.19 -11.04 -7.92
N ARG B 84 -21.68 -10.91 -9.15
CA ARG B 84 -22.40 -11.30 -10.37
C ARG B 84 -22.64 -12.81 -10.43
N ALA B 85 -21.54 -13.56 -10.29
CA ALA B 85 -21.57 -15.02 -10.36
C ALA B 85 -22.29 -15.72 -9.22
N ALA B 86 -22.41 -15.04 -8.07
CA ALA B 86 -23.07 -15.62 -6.90
C ALA B 86 -24.47 -15.09 -6.59
N ASP B 87 -24.87 -14.01 -7.28
CA ASP B 87 -26.17 -13.32 -7.11
C ASP B 87 -26.42 -12.87 -5.66
N VAL B 88 -25.38 -12.26 -5.08
CA VAL B 88 -25.42 -11.72 -3.73
C VAL B 88 -24.98 -10.28 -3.91
N HIS B 89 -25.70 -9.34 -3.28
CA HIS B 89 -25.36 -7.92 -3.37
C HIS B 89 -24.17 -7.68 -2.43
N ILE B 90 -23.21 -6.87 -2.89
CA ILE B 90 -22.05 -6.54 -2.07
C ILE B 90 -21.91 -5.03 -2.00
N VAL B 91 -21.87 -4.51 -0.78
CA VAL B 91 -21.70 -3.08 -0.54
C VAL B 91 -20.20 -2.86 -0.27
N ALA B 92 -19.57 -2.01 -1.08
CA ALA B 92 -18.15 -1.68 -0.95
C ALA B 92 -17.92 -0.58 0.10
N ALA B 93 -16.70 -0.52 0.63
CA ALA B 93 -16.35 0.45 1.64
C ALA B 93 -15.23 1.39 1.29
N THR B 94 -15.24 2.52 1.98
CA THR B 94 -14.17 3.50 1.87
C THR B 94 -13.65 3.59 3.32
N GLY B 95 -12.70 4.47 3.56
CA GLY B 95 -12.14 4.59 4.89
C GLY B 95 -10.73 4.05 4.90
N LEU B 96 -10.16 3.89 6.09
CA LEU B 96 -8.81 3.35 6.28
C LEU B 96 -8.82 2.36 7.43
N TRP B 97 -8.01 1.31 7.30
CA TRP B 97 -7.90 0.24 8.29
C TRP B 97 -6.59 0.44 9.11
N ILE B 98 -6.06 -0.62 9.72
CA ILE B 98 -4.85 -0.53 10.56
C ILE B 98 -3.49 -0.50 9.85
N ASP B 99 -3.49 -0.54 8.51
CA ASP B 99 -2.22 -0.53 7.77
C ASP B 99 -2.13 0.56 6.67
N PRO B 100 -2.33 1.85 7.04
CA PRO B 100 -2.24 2.87 5.98
C PRO B 100 -0.81 3.15 5.51
N PRO B 101 -0.63 3.33 4.19
CA PRO B 101 0.71 3.62 3.66
C PRO B 101 1.15 5.07 3.93
N LEU B 102 2.41 5.39 3.61
CA LEU B 102 2.96 6.73 3.79
C LEU B 102 2.13 7.83 3.13
N SER B 103 1.61 7.51 1.94
CA SER B 103 0.81 8.45 1.16
C SER B 103 -0.55 8.78 1.78
N MET B 104 -0.99 7.93 2.70
CA MET B 104 -2.24 8.14 3.43
C MET B 104 -1.94 8.69 4.82
N ARG B 105 -0.92 8.15 5.50
CA ARG B 105 -0.60 8.59 6.85
C ARG B 105 0.04 9.97 7.05
N LEU B 106 0.34 10.63 5.93
CA LEU B 106 0.92 11.96 5.94
C LEU B 106 -0.11 13.01 5.52
N ARG B 107 -1.34 12.56 5.32
CA ARG B 107 -2.43 13.43 4.90
C ARG B 107 -3.19 14.10 6.04
N SER B 108 -3.68 15.30 5.76
CA SER B 108 -4.46 16.08 6.72
C SER B 108 -5.90 15.54 6.76
N VAL B 109 -6.68 16.03 7.72
CA VAL B 109 -8.07 15.62 7.89
C VAL B 109 -8.92 16.06 6.69
N GLU B 110 -8.55 17.20 6.09
CA GLU B 110 -9.24 17.76 4.93
C GLU B 110 -9.01 16.90 3.68
N GLU B 111 -7.79 16.40 3.52
CA GLU B 111 -7.43 15.56 2.38
C GLU B 111 -8.07 14.18 2.46
N LEU B 112 -8.12 13.60 3.67
CA LEU B 112 -8.72 12.28 3.88
C LEU B 112 -10.22 12.33 3.66
N THR B 113 -10.82 13.50 3.96
CA THR B 113 -12.25 13.72 3.76
C THR B 113 -12.53 13.74 2.26
N GLN B 114 -11.65 14.38 1.49
CA GLN B 114 -11.76 14.45 0.03
C GLN B 114 -11.69 13.06 -0.60
N PHE B 115 -10.76 12.23 -0.10
CA PHE B 115 -10.58 10.85 -0.57
C PHE B 115 -11.82 9.99 -0.32
N PHE B 116 -12.34 10.04 0.90
CA PHE B 116 -13.53 9.26 1.29
C PHE B 116 -14.75 9.72 0.48
N LEU B 117 -14.87 11.04 0.29
CA LEU B 117 -15.97 11.63 -0.47
C LEU B 117 -15.89 11.22 -1.93
N ARG B 118 -14.66 11.12 -2.46
CA ARG B 118 -14.43 10.71 -3.84
C ARG B 118 -14.95 9.28 -4.07
N GLU B 119 -14.64 8.39 -3.14
CA GLU B 119 -15.03 7.00 -3.22
C GLU B 119 -16.54 6.76 -3.07
N ILE B 120 -17.21 7.67 -2.38
CA ILE B 120 -18.65 7.60 -2.15
C ILE B 120 -19.46 8.34 -3.25
N GLN B 121 -19.02 9.55 -3.61
CA GLN B 121 -19.72 10.38 -4.60
C GLN B 121 -19.37 10.22 -6.07
N TYR B 122 -18.10 9.97 -6.36
CA TYR B 122 -17.64 9.81 -7.75
C TYR B 122 -17.55 8.32 -8.09
N GLY B 123 -16.67 7.62 -7.36
CA GLY B 123 -16.47 6.19 -7.58
C GLY B 123 -15.12 5.75 -7.08
N ILE B 124 -14.94 4.43 -7.00
CA ILE B 124 -13.69 3.83 -6.54
C ILE B 124 -12.83 3.57 -7.77
N GLU B 125 -11.60 4.10 -7.73
CA GLU B 125 -10.62 3.98 -8.82
C GLU B 125 -11.25 4.50 -10.13
N ASP B 126 -11.28 3.69 -11.18
CA ASP B 126 -11.86 4.10 -12.47
C ASP B 126 -13.09 3.24 -12.83
N THR B 127 -13.64 2.57 -11.81
CA THR B 127 -14.77 1.65 -11.97
C THR B 127 -16.19 2.23 -11.95
N GLY B 128 -16.36 3.40 -11.34
CA GLY B 128 -17.67 4.01 -11.24
C GLY B 128 -18.50 3.42 -10.09
N ILE B 129 -17.91 2.46 -9.39
CA ILE B 129 -18.53 1.76 -8.25
C ILE B 129 -18.35 2.65 -7.02
N ARG B 130 -19.47 2.98 -6.38
CA ARG B 130 -19.47 3.85 -5.21
C ARG B 130 -19.63 3.11 -3.90
N ALA B 131 -18.91 3.58 -2.89
CA ALA B 131 -18.94 3.00 -1.55
C ALA B 131 -20.24 3.34 -0.82
N GLY B 132 -20.75 2.37 -0.05
CA GLY B 132 -21.98 2.56 0.71
C GLY B 132 -21.78 2.52 2.22
N ILE B 133 -20.52 2.53 2.66
CA ILE B 133 -20.15 2.52 4.08
C ILE B 133 -18.70 3.03 4.26
N ILE B 134 -18.41 3.60 5.43
CA ILE B 134 -17.08 4.10 5.75
C ILE B 134 -16.52 3.25 6.89
N KCX B 135 -15.35 2.63 6.66
CA KCX B 135 -14.70 1.76 7.65
CB KCX B 135 -14.24 0.48 6.94
CG KCX B 135 -13.37 -0.40 7.84
CD KCX B 135 -14.15 -0.90 9.06
CE KCX B 135 -13.27 -1.85 9.89
NZ KCX B 135 -12.81 -2.94 9.03
C KCX B 135 -13.49 2.47 8.24
O KCX B 135 -12.62 2.95 7.53
CX KCX B 135 -12.33 -4.08 9.52
OQ1 KCX B 135 -11.97 -4.97 8.72
OQ2 KCX B 135 -12.27 -4.20 10.76
N VAL B 136 -13.41 2.49 9.58
CA VAL B 136 -12.29 3.10 10.31
C VAL B 136 -11.78 2.19 11.43
N ALA B 137 -10.61 2.52 11.99
CA ALA B 137 -10.01 1.69 13.03
C ALA B 137 -9.14 2.37 14.08
N THR B 138 -9.15 1.78 15.27
CA THR B 138 -8.33 2.16 16.42
C THR B 138 -7.90 0.82 17.05
N THR B 139 -6.70 0.77 17.59
CA THR B 139 -6.14 -0.41 18.26
C THR B 139 -5.62 0.06 19.62
N GLY B 140 -6.57 0.46 20.46
CA GLY B 140 -6.27 0.99 21.79
C GLY B 140 -6.53 2.48 21.75
N LYS B 141 -5.72 3.24 22.49
CA LYS B 141 -5.78 4.71 22.54
C LYS B 141 -5.43 5.19 21.12
N ALA B 142 -6.34 5.99 20.55
CA ALA B 142 -6.17 6.52 19.20
C ALA B 142 -4.89 7.35 19.03
N THR B 143 -4.12 6.98 18.01
CA THR B 143 -2.87 7.68 17.66
C THR B 143 -3.34 9.02 17.04
N PRO B 144 -2.47 10.06 16.98
CA PRO B 144 -2.92 11.32 16.36
C PRO B 144 -3.51 11.18 14.96
N PHE B 145 -2.99 10.21 14.20
CA PHE B 145 -3.48 9.92 12.85
C PHE B 145 -4.85 9.26 12.87
N GLN B 146 -5.07 8.33 13.80
CA GLN B 146 -6.35 7.63 13.91
C GLN B 146 -7.49 8.59 14.27
N GLU B 147 -7.15 9.66 15.00
CA GLU B 147 -8.11 10.71 15.37
C GLU B 147 -8.52 11.46 14.10
N LEU B 148 -7.54 11.75 13.24
CA LEU B 148 -7.75 12.44 11.96
C LEU B 148 -8.66 11.63 11.03
N VAL B 149 -8.47 10.30 11.02
CA VAL B 149 -9.27 9.37 10.20
C VAL B 149 -10.72 9.32 10.69
N LEU B 150 -10.91 9.26 12.01
CA LEU B 150 -12.26 9.23 12.61
C LEU B 150 -13.04 10.52 12.31
N ARG B 151 -12.34 11.65 12.32
CA ARG B 151 -12.94 12.96 12.04
C ARG B 151 -13.30 13.09 10.57
N ALA B 152 -12.42 12.60 9.69
CA ALA B 152 -12.64 12.64 8.23
C ALA B 152 -13.80 11.72 7.84
N ALA B 153 -13.93 10.60 8.55
CA ALA B 153 -15.00 9.64 8.34
C ALA B 153 -16.35 10.26 8.69
N ALA B 154 -16.38 10.99 9.81
CA ALA B 154 -17.57 11.68 10.28
C ALA B 154 -18.00 12.77 9.30
N ARG B 155 -17.03 13.55 8.82
CA ARG B 155 -17.27 14.63 7.86
C ARG B 155 -17.78 14.09 6.51
N ALA B 156 -17.29 12.91 6.13
CA ALA B 156 -17.70 12.26 4.87
C ALA B 156 -19.11 11.70 5.02
N SER B 157 -19.43 11.20 6.21
CA SER B 157 -20.75 10.65 6.52
C SER B 157 -21.82 11.74 6.60
N LEU B 158 -21.46 12.87 7.18
CA LEU B 158 -22.37 14.00 7.34
C LEU B 158 -22.71 14.69 6.01
N ALA B 159 -21.81 14.56 5.04
CA ALA B 159 -22.00 15.16 3.72
C ALA B 159 -22.72 14.23 2.75
N THR B 160 -22.79 12.94 3.09
CA THR B 160 -23.43 11.93 2.22
C THR B 160 -24.56 11.09 2.83
N GLY B 161 -24.59 10.98 4.16
CA GLY B 161 -25.61 10.18 4.82
C GLY B 161 -25.20 8.72 4.94
N VAL B 162 -24.06 8.38 4.33
CA VAL B 162 -23.48 7.04 4.32
C VAL B 162 -22.97 6.73 5.75
N PRO B 163 -23.26 5.52 6.28
CA PRO B 163 -22.80 5.18 7.64
C PRO B 163 -21.31 4.92 7.85
N VAL B 164 -20.94 4.89 9.13
CA VAL B 164 -19.57 4.64 9.58
C VAL B 164 -19.57 3.37 10.44
N THR B 165 -18.62 2.47 10.16
CA THR B 165 -18.46 1.23 10.90
C THR B 165 -17.01 1.16 11.40
N THR B 166 -16.82 0.71 12.64
CA THR B 166 -15.48 0.67 13.22
C THR B 166 -14.91 -0.69 13.62
N HIS B 167 -13.59 -0.71 13.75
CA HIS B 167 -12.79 -1.85 14.19
C HIS B 167 -12.29 -1.33 15.53
N THR B 168 -12.44 -2.14 16.58
CA THR B 168 -12.01 -1.74 17.91
C THR B 168 -11.14 -2.82 18.56
N ALA B 169 -10.52 -2.42 19.68
CA ALA B 169 -9.74 -3.30 20.53
C ALA B 169 -10.72 -3.22 21.70
N ALA B 170 -11.77 -4.03 21.62
CA ALA B 170 -12.87 -4.09 22.60
C ALA B 170 -12.48 -4.27 24.07
N SER B 171 -11.35 -4.95 24.30
CA SER B 171 -10.82 -5.19 25.64
C SER B 171 -10.26 -3.90 26.27
N GLN B 172 -9.90 -2.95 25.41
CA GLN B 172 -9.36 -1.64 25.81
C GLN B 172 -10.44 -0.55 25.78
N ARG B 173 -11.66 -0.97 25.40
CA ARG B 173 -12.86 -0.12 25.32
C ARG B 173 -12.74 1.13 24.43
N ASP B 174 -12.24 0.94 23.22
CA ASP B 174 -12.04 2.02 22.23
C ASP B 174 -13.32 2.75 21.84
N GLY B 175 -14.43 2.03 21.89
CA GLY B 175 -15.75 2.56 21.52
C GLY B 175 -16.20 3.84 22.20
N GLU B 176 -15.72 4.07 23.42
CA GLU B 176 -16.05 5.26 24.20
C GLU B 176 -15.30 6.49 23.67
N GLN B 177 -14.04 6.29 23.30
CA GLN B 177 -13.18 7.36 22.74
C GLN B 177 -13.62 7.65 21.29
N GLN B 178 -14.03 6.60 20.58
CA GLN B 178 -14.50 6.74 19.19
C GLN B 178 -15.80 7.53 19.19
N ALA B 179 -16.64 7.24 20.17
CA ALA B 179 -17.94 7.90 20.36
C ALA B 179 -17.78 9.40 20.64
N ALA B 180 -16.82 9.72 21.50
CA ALA B 180 -16.51 11.10 21.90
C ALA B 180 -16.04 11.95 20.71
N ILE B 181 -15.24 11.34 19.84
CA ILE B 181 -14.71 12.01 18.65
C ILE B 181 -15.81 12.22 17.61
N PHE B 182 -16.64 11.19 17.41
CA PHE B 182 -17.75 11.25 16.45
C PHE B 182 -18.78 12.31 16.85
N GLU B 183 -19.11 12.35 18.14
CA GLU B 183 -20.07 13.31 18.69
C GLU B 183 -19.56 14.74 18.63
N SER B 184 -18.24 14.93 18.86
CA SER B 184 -17.61 16.26 18.82
C SER B 184 -17.66 16.84 17.41
N GLU B 185 -17.80 15.95 16.42
CA GLU B 185 -17.89 16.31 15.00
C GLU B 185 -19.33 16.56 14.57
N GLY B 186 -20.27 16.22 15.46
CA GLY B 186 -21.68 16.40 15.17
C GLY B 186 -22.34 15.25 14.46
N LEU B 187 -21.69 14.08 14.50
CA LEU B 187 -22.23 12.89 13.85
C LEU B 187 -23.22 12.19 14.77
N SER B 188 -24.39 11.89 14.20
CA SER B 188 -25.46 11.21 14.91
C SER B 188 -25.05 9.76 15.21
N PRO B 189 -25.23 9.30 16.47
CA PRO B 189 -24.88 7.93 16.89
C PRO B 189 -25.57 6.81 16.09
N SER B 190 -26.72 7.14 15.50
CA SER B 190 -27.50 6.20 14.68
C SER B 190 -26.84 5.90 13.33
N ARG B 191 -25.80 6.67 12.99
CA ARG B 191 -25.05 6.47 11.74
C ARG B 191 -23.74 5.73 12.00
N VAL B 192 -23.54 5.31 13.25
CA VAL B 192 -22.31 4.63 13.67
C VAL B 192 -22.46 3.23 14.28
N CYS B 193 -21.61 2.31 13.81
CA CYS B 193 -21.56 0.96 14.34
C CYS B 193 -20.21 0.74 15.01
N ILE B 194 -20.25 0.42 16.30
CA ILE B 194 -19.02 0.15 17.06
C ILE B 194 -18.81 -1.37 16.90
N GLY B 195 -17.92 -1.72 15.97
CA GLY B 195 -17.62 -3.11 15.67
C GLY B 195 -16.65 -3.82 16.58
N HIS B 196 -16.50 -5.14 16.36
CA HIS B 196 -15.62 -6.03 17.15
C HIS B 196 -15.99 -6.07 18.63
N SER B 197 -17.22 -5.65 18.93
CA SER B 197 -17.75 -5.57 20.28
C SER B 197 -17.96 -6.91 20.99
N ASP B 198 -17.88 -8.00 20.25
CA ASP B 198 -18.03 -9.34 20.80
C ASP B 198 -16.69 -9.95 21.24
N ASP B 199 -15.63 -9.13 21.23
CA ASP B 199 -14.29 -9.55 21.66
C ASP B 199 -14.12 -9.35 23.17
N THR B 200 -15.15 -8.77 23.80
CA THR B 200 -15.18 -8.51 25.24
C THR B 200 -16.47 -9.08 25.87
N ASP B 201 -16.40 -9.31 27.19
CA ASP B 201 -17.53 -9.83 27.96
C ASP B 201 -18.14 -8.73 28.84
N ASP B 202 -17.57 -7.52 28.74
CA ASP B 202 -18.02 -6.36 29.50
C ASP B 202 -19.34 -5.82 28.93
N LEU B 203 -20.45 -6.29 29.51
CA LEU B 203 -21.80 -5.93 29.10
C LEU B 203 -22.20 -4.50 29.42
N SER B 204 -21.64 -3.95 30.50
CA SER B 204 -21.91 -2.57 30.95
C SER B 204 -21.39 -1.53 29.93
N TYR B 205 -20.35 -1.93 29.21
CA TYR B 205 -19.73 -1.11 28.17
C TYR B 205 -20.62 -1.11 26.91
N LEU B 206 -21.18 -2.27 26.56
CA LEU B 206 -22.05 -2.42 25.39
C LEU B 206 -23.41 -1.75 25.53
N THR B 207 -24.03 -1.91 26.71
CA THR B 207 -25.34 -1.32 27.00
C THR B 207 -25.34 0.20 27.11
N ALA B 208 -24.23 0.75 27.64
CA ALA B 208 -24.07 2.20 27.81
C ALA B 208 -23.97 2.90 26.45
N LEU B 209 -23.27 2.27 25.51
CA LEU B 209 -23.10 2.79 24.16
C LEU B 209 -24.41 2.67 23.37
N ALA B 210 -25.13 1.57 23.60
CA ALA B 210 -26.41 1.29 22.95
C ALA B 210 -27.51 2.26 23.37
N ALA B 211 -27.44 2.70 24.63
CA ALA B 211 -28.40 3.65 25.22
C ALA B 211 -28.24 5.04 24.63
N ARG B 212 -27.02 5.31 24.14
CA ARG B 212 -26.67 6.59 23.51
C ARG B 212 -27.04 6.63 22.02
N GLY B 213 -27.60 5.53 21.52
CA GLY B 213 -28.03 5.44 20.14
C GLY B 213 -27.10 4.74 19.16
N TYR B 214 -25.97 4.23 19.66
CA TYR B 214 -24.99 3.52 18.82
C TYR B 214 -25.41 2.11 18.45
N LEU B 215 -24.99 1.67 17.26
CA LEU B 215 -25.25 0.32 16.81
C LEU B 215 -24.06 -0.51 17.27
N ILE B 216 -24.35 -1.67 17.83
CA ILE B 216 -23.33 -2.56 18.38
C ILE B 216 -23.04 -3.69 17.38
N GLY B 217 -21.80 -3.72 16.90
CA GLY B 217 -21.38 -4.73 15.95
C GLY B 217 -20.80 -5.98 16.58
N LEU B 218 -21.63 -7.01 16.72
CA LEU B 218 -21.25 -8.31 17.28
C LEU B 218 -20.95 -9.12 16.02
N ASP B 219 -19.81 -8.80 15.44
CA ASP B 219 -19.36 -9.34 14.17
C ASP B 219 -18.33 -10.46 14.02
N GLY B 220 -17.87 -11.06 15.11
CA GLY B 220 -16.88 -12.12 14.97
C GLY B 220 -17.19 -13.37 15.74
N ILE B 221 -18.44 -13.82 15.63
CA ILE B 221 -18.92 -15.00 16.32
C ILE B 221 -18.12 -16.31 16.04
N PRO B 222 -17.74 -16.60 14.76
CA PRO B 222 -16.98 -17.85 14.56
C PRO B 222 -15.51 -17.85 14.98
N TRP B 223 -15.00 -16.67 15.36
CA TRP B 223 -13.61 -16.51 15.79
C TRP B 223 -13.35 -17.08 17.19
N SER B 224 -12.89 -18.34 17.21
CA SER B 224 -12.59 -19.09 18.44
C SER B 224 -11.42 -20.05 18.20
N ALA B 225 -10.59 -20.23 19.24
CA ALA B 225 -9.41 -21.11 19.16
C ALA B 225 -9.43 -22.33 20.08
N ILE B 226 -10.55 -22.56 20.78
CA ILE B 226 -10.71 -23.69 21.70
C ILE B 226 -10.82 -25.02 20.93
N ALA B 232 -0.43 -20.83 17.69
CA ALA B 232 0.76 -19.99 17.79
C ALA B 232 0.40 -18.54 17.49
N SER B 233 0.13 -18.25 16.22
CA SER B 233 -0.27 -16.92 15.75
C SER B 233 -1.79 -16.91 15.57
N ALA B 234 -2.36 -18.12 15.56
CA ALA B 234 -3.80 -18.33 15.41
C ALA B 234 -4.54 -17.99 16.70
N SER B 235 -3.91 -18.31 17.84
CA SER B 235 -4.48 -18.04 19.16
C SER B 235 -4.51 -16.55 19.53
N ALA B 236 -3.64 -15.78 18.88
CA ALA B 236 -3.52 -14.33 19.08
C ALA B 236 -4.59 -13.52 18.34
N ILE B 237 -5.11 -14.08 17.24
CA ILE B 237 -6.13 -13.43 16.43
C ILE B 237 -7.57 -13.94 16.71
N LEU B 238 -7.69 -15.23 16.99
CA LEU B 238 -8.99 -15.88 17.27
C LEU B 238 -9.51 -15.66 18.70
N GLY B 239 -8.68 -15.98 19.70
CA GLY B 239 -9.04 -15.82 21.10
C GLY B 239 -9.47 -17.12 21.77
N ASN B 240 -9.45 -17.15 23.11
CA ASN B 240 -9.82 -18.33 23.89
C ASN B 240 -11.29 -18.42 24.34
N ARG B 241 -12.16 -17.62 23.72
CA ARG B 241 -13.58 -17.59 24.03
C ARG B 241 -14.38 -18.32 22.93
N SER B 242 -15.36 -19.13 23.35
CA SER B 242 -16.21 -19.90 22.44
C SER B 242 -17.22 -19.05 21.67
N TRP B 243 -17.79 -19.63 20.61
CA TRP B 243 -18.78 -18.92 19.80
C TRP B 243 -20.11 -18.71 20.52
N GLN B 244 -20.43 -19.63 21.43
CA GLN B 244 -21.66 -19.59 22.23
C GLN B 244 -21.66 -18.40 23.21
N THR B 245 -20.49 -18.05 23.72
CA THR B 245 -20.31 -16.93 24.66
C THR B 245 -20.47 -15.60 23.89
N ARG B 246 -19.96 -15.59 22.66
CA ARG B 246 -20.05 -14.42 21.77
C ARG B 246 -21.47 -14.24 21.26
N ALA B 247 -22.18 -15.36 21.06
CA ALA B 247 -23.56 -15.37 20.59
C ALA B 247 -24.57 -15.03 21.68
N LEU B 248 -24.20 -15.32 22.94
CA LEU B 248 -25.06 -15.04 24.09
C LEU B 248 -25.10 -13.55 24.42
N LEU B 249 -24.16 -12.80 23.84
CA LEU B 249 -24.06 -11.35 24.02
C LEU B 249 -25.16 -10.66 23.21
N ILE B 250 -25.65 -11.35 22.18
CA ILE B 250 -26.73 -10.85 21.32
C ILE B 250 -28.03 -10.92 22.13
N LYS B 251 -28.24 -12.06 22.80
CA LYS B 251 -29.43 -12.30 23.63
C LYS B 251 -29.43 -11.37 24.85
N ALA B 252 -28.25 -11.16 25.43
CA ALA B 252 -28.07 -10.29 26.61
C ALA B 252 -28.40 -8.82 26.29
N LEU B 253 -28.28 -8.45 25.02
CA LEU B 253 -28.60 -7.09 24.56
C LEU B 253 -30.06 -6.96 24.12
N ILE B 254 -30.64 -8.08 23.63
CA ILE B 254 -32.06 -8.11 23.21
C ILE B 254 -32.91 -7.99 24.49
N ASP B 255 -32.46 -8.66 25.55
CA ASP B 255 -33.12 -8.67 26.85
C ASP B 255 -33.06 -7.32 27.56
N GLN B 256 -31.95 -6.60 27.38
CA GLN B 256 -31.78 -5.27 27.99
C GLN B 256 -32.51 -4.19 27.19
N GLY B 257 -33.31 -4.64 26.22
CA GLY B 257 -34.13 -3.78 25.37
C GLY B 257 -33.53 -3.15 24.13
N TYR B 258 -32.36 -3.62 23.70
CA TYR B 258 -31.68 -3.06 22.53
C TYR B 258 -31.57 -3.95 21.30
N MET B 259 -32.70 -4.47 20.81
CA MET B 259 -32.71 -5.34 19.63
C MET B 259 -32.50 -4.53 18.34
N LYS B 260 -32.88 -3.25 18.38
CA LYS B 260 -32.74 -2.34 17.25
C LYS B 260 -31.32 -1.81 17.07
N GLN B 261 -30.50 -1.96 18.11
CA GLN B 261 -29.11 -1.50 18.09
C GLN B 261 -28.10 -2.61 17.74
N ILE B 262 -28.59 -3.81 17.42
CA ILE B 262 -27.70 -4.93 17.10
C ILE B 262 -27.49 -5.22 15.60
N LEU B 263 -26.22 -5.44 15.25
CA LEU B 263 -25.79 -5.81 13.90
C LEU B 263 -24.88 -7.02 14.09
N VAL B 264 -25.23 -8.12 13.43
CA VAL B 264 -24.48 -9.37 13.52
C VAL B 264 -23.83 -9.72 12.19
N SER B 265 -22.62 -10.31 12.26
CA SER B 265 -21.87 -10.73 11.08
C SER B 265 -20.82 -11.80 11.47
N ASN B 266 -20.06 -12.29 10.49
CA ASN B 266 -19.03 -13.31 10.71
C ASN B 266 -17.60 -12.80 10.73
N ASP B 267 -17.36 -11.67 10.04
CA ASP B 267 -16.02 -11.06 9.84
C ASP B 267 -15.16 -12.12 9.13
N TRP B 268 -15.78 -12.76 8.15
CA TRP B 268 -15.12 -13.80 7.39
C TRP B 268 -14.43 -13.29 6.14
N THR B 269 -13.60 -14.17 5.57
CA THR B 269 -12.83 -13.90 4.36
C THR B 269 -12.55 -15.19 3.59
N PHE B 270 -12.17 -15.03 2.32
CA PHE B 270 -11.85 -16.15 1.44
C PHE B 270 -10.37 -16.12 1.03
N GLY B 271 -9.74 -14.99 1.31
CA GLY B 271 -8.34 -14.78 1.02
C GLY B 271 -7.80 -13.93 2.16
N PHE B 272 -6.60 -14.25 2.64
CA PHE B 272 -6.00 -13.53 3.76
C PHE B 272 -4.48 -13.50 3.55
N SER B 273 -3.97 -12.33 3.16
CA SER B 273 -2.53 -12.17 2.94
C SER B 273 -1.86 -11.30 3.99
N SER B 274 -2.66 -10.52 4.71
CA SER B 274 -2.18 -9.62 5.75
C SER B 274 -1.87 -10.29 7.10
N TYR B 275 -1.56 -11.58 7.04
CA TYR B 275 -1.20 -12.38 8.21
C TYR B 275 -0.22 -13.47 7.77
N VAL B 276 0.05 -14.45 8.63
CA VAL B 276 0.97 -15.56 8.30
C VAL B 276 0.46 -16.44 7.16
N THR B 277 1.39 -17.08 6.47
CA THR B 277 1.08 -17.96 5.34
C THR B 277 0.29 -19.19 5.81
N ASN B 278 -0.68 -19.59 4.98
CA ASN B 278 -1.58 -20.72 5.20
C ASN B 278 -2.56 -20.55 6.37
N ILE B 279 -2.86 -19.29 6.72
CA ILE B 279 -3.81 -18.95 7.80
C ILE B 279 -5.24 -19.33 7.37
N MET B 280 -5.46 -19.43 6.06
CA MET B 280 -6.76 -19.82 5.51
C MET B 280 -7.10 -21.27 5.77
N ASP B 281 -6.09 -22.14 5.79
CA ASP B 281 -6.27 -23.57 6.06
C ASP B 281 -6.67 -23.78 7.53
N VAL B 282 -6.19 -22.89 8.40
CA VAL B 282 -6.48 -22.91 9.84
C VAL B 282 -7.91 -22.38 10.08
N LEU B 283 -8.29 -21.31 9.37
CA LEU B 283 -9.61 -20.70 9.49
C LEU B 283 -10.73 -21.54 8.88
N ASP B 284 -10.46 -22.20 7.76
CA ASP B 284 -11.46 -23.04 7.08
C ASP B 284 -11.78 -24.33 7.85
N ARG B 285 -10.86 -24.73 8.74
CA ARG B 285 -11.06 -25.92 9.58
C ARG B 285 -11.81 -25.54 10.87
N VAL B 286 -11.60 -24.31 11.34
CA VAL B 286 -12.25 -23.76 12.54
C VAL B 286 -13.73 -23.49 12.26
N ASN B 287 -14.01 -22.96 11.06
CA ASN B 287 -15.37 -22.63 10.63
C ASN B 287 -15.56 -23.03 9.17
N PRO B 288 -16.02 -24.28 8.91
CA PRO B 288 -16.24 -24.74 7.52
C PRO B 288 -17.51 -24.16 6.91
N ASP B 289 -18.32 -23.51 7.76
CA ASP B 289 -19.57 -22.87 7.34
C ASP B 289 -19.32 -21.52 6.67
N GLY B 290 -18.17 -20.93 6.95
CA GLY B 290 -17.79 -19.64 6.38
C GLY B 290 -18.71 -18.50 6.76
N MET B 291 -19.22 -17.81 5.74
CA MET B 291 -20.15 -16.68 5.91
C MET B 291 -21.57 -17.13 6.24
N ALA B 292 -21.80 -18.44 6.09
CA ALA B 292 -23.10 -19.03 6.38
C ALA B 292 -23.22 -19.40 7.85
N PHE B 293 -22.20 -19.07 8.65
CA PHE B 293 -22.19 -19.36 10.09
C PHE B 293 -23.31 -18.65 10.86
N ILE B 294 -23.63 -17.40 10.48
CA ILE B 294 -24.69 -16.66 11.18
C ILE B 294 -26.09 -17.29 10.99
N PRO B 295 -26.54 -17.55 9.73
CA PRO B 295 -27.88 -18.16 9.61
C PRO B 295 -28.00 -19.65 9.91
N LEU B 296 -26.91 -20.40 9.75
CA LEU B 296 -26.92 -21.84 10.01
C LEU B 296 -26.65 -22.25 11.45
N ARG B 297 -25.80 -21.50 12.15
CA ARG B 297 -25.46 -21.85 13.54
C ARG B 297 -25.93 -20.89 14.62
N VAL B 298 -25.72 -19.59 14.43
CA VAL B 298 -26.11 -18.56 15.43
C VAL B 298 -27.61 -18.30 15.55
N ILE B 299 -28.32 -18.21 14.43
CA ILE B 299 -29.77 -17.98 14.45
C ILE B 299 -30.54 -19.17 15.09
N PRO B 300 -30.22 -20.45 14.75
CA PRO B 300 -30.96 -21.56 15.39
C PRO B 300 -30.63 -21.68 16.89
N PHE B 301 -29.44 -21.23 17.28
CA PHE B 301 -28.97 -21.25 18.68
C PHE B 301 -29.79 -20.22 19.49
N LEU B 302 -30.05 -19.07 18.88
CA LEU B 302 -30.82 -18.01 19.52
C LEU B 302 -32.30 -18.38 19.58
N ARG B 303 -32.76 -19.17 18.59
CA ARG B 303 -34.15 -19.65 18.54
C ARG B 303 -34.39 -20.67 19.65
N GLU B 304 -33.35 -21.46 19.95
CA GLU B 304 -33.37 -22.48 21.00
C GLU B 304 -33.42 -21.87 22.39
N LYS B 305 -32.82 -20.68 22.53
CA LYS B 305 -32.77 -19.96 23.80
C LYS B 305 -34.00 -19.09 24.07
N GLY B 306 -34.99 -19.18 23.19
CA GLY B 306 -36.23 -18.44 23.37
C GLY B 306 -36.49 -17.17 22.58
N VAL B 307 -35.50 -16.69 21.83
CA VAL B 307 -35.63 -15.47 21.02
C VAL B 307 -36.54 -15.72 19.80
N PRO B 308 -37.65 -14.93 19.66
CA PRO B 308 -38.59 -15.09 18.53
C PRO B 308 -37.97 -14.78 17.16
N GLN B 309 -38.60 -15.33 16.12
CA GLN B 309 -38.16 -15.17 14.72
C GLN B 309 -38.26 -13.72 14.21
N GLU B 310 -39.23 -12.98 14.73
CA GLU B 310 -39.48 -11.58 14.34
C GLU B 310 -38.42 -10.58 14.80
N THR B 311 -37.78 -10.86 15.94
CA THR B 311 -36.72 -9.99 16.45
C THR B 311 -35.39 -10.35 15.80
N LEU B 312 -35.27 -11.62 15.37
CA LEU B 312 -34.07 -12.12 14.67
C LEU B 312 -34.09 -11.61 13.23
N ALA B 313 -35.30 -11.46 12.69
CA ALA B 313 -35.52 -10.96 11.33
C ALA B 313 -35.34 -9.44 11.41
N GLY B 314 -35.58 -8.90 12.60
CA GLY B 314 -35.41 -7.47 12.84
C GLY B 314 -33.94 -7.11 12.89
N ILE B 315 -33.14 -8.01 13.46
CA ILE B 315 -31.70 -7.83 13.58
C ILE B 315 -30.95 -8.04 12.25
N THR B 316 -31.37 -9.05 11.49
CA THR B 316 -30.73 -9.39 10.23
C THR B 316 -31.21 -8.72 8.95
N VAL B 317 -32.46 -8.24 8.94
CA VAL B 317 -33.04 -7.58 7.76
C VAL B 317 -33.31 -6.08 7.99
N THR B 318 -34.11 -5.76 9.02
CA THR B 318 -34.49 -4.38 9.35
C THR B 318 -33.38 -3.44 9.83
N ASN B 319 -32.58 -3.87 10.82
CA ASN B 319 -31.49 -3.05 11.34
C ASN B 319 -30.43 -2.65 10.28
N PRO B 320 -29.95 -3.61 9.44
CA PRO B 320 -28.95 -3.25 8.42
C PRO B 320 -29.48 -2.32 7.33
N ALA B 321 -30.75 -2.49 6.96
CA ALA B 321 -31.40 -1.67 5.94
C ALA B 321 -31.52 -0.21 6.38
N ARG B 322 -31.82 -0.02 7.67
CA ARG B 322 -31.98 1.29 8.30
C ARG B 322 -30.62 1.95 8.50
N PHE B 323 -29.61 1.13 8.79
CA PHE B 323 -28.24 1.56 9.01
C PHE B 323 -27.58 1.97 7.68
N LEU B 324 -27.71 1.13 6.65
CA LEU B 324 -27.12 1.39 5.34
C LEU B 324 -27.80 2.47 4.51
N SER B 325 -29.09 2.72 4.77
CA SER B 325 -29.88 3.73 4.06
C SER B 325 -29.32 5.14 4.27
N PRO B 326 -28.92 5.84 3.18
CA PRO B 326 -28.36 7.20 3.28
C PRO B 326 -29.32 8.24 3.82
N THR B 327 -29.06 8.69 5.05
CA THR B 327 -29.87 9.71 5.75
C THR B 327 -29.00 10.66 6.58
CO CO C . 15.62 6.40 -1.47
CO CO D . 14.76 7.28 -4.99
CAG QMP E . 10.34 8.99 -3.58
CAE QMP E . 9.61 10.11 -4.33
CAD QMP E . 10.55 10.77 -5.33
CAF QMP E . 11.80 11.32 -4.63
CAH QMP E . 12.51 10.18 -3.89
CAJ QMP E . 11.57 9.54 -2.86
OAI QMP E . 12.23 8.46 -2.19
PAK QMP E . 13.77 8.58 -1.73
CAA QMP E . 13.71 8.72 0.07
OAC QMP E . 14.35 9.98 -2.25
OAB QMP E . 14.57 7.44 -2.19
N1 IMD F . 23.53 1.29 9.87
C2 IMD F . 23.96 0.05 9.78
N3 IMD F . 24.44 -0.31 10.96
C4 IMD F . 24.30 0.74 11.84
C5 IMD F . 23.73 1.75 11.14
N1 IMD G . 18.52 11.17 -2.80
C2 IMD G . 19.72 11.29 -2.27
N3 IMD G . 19.68 12.28 -1.39
C4 IMD G . 18.41 12.81 -1.34
C5 IMD G . 17.67 12.11 -2.24
N1 IMD H . 2.86 0.36 4.40
C2 IMD H . 1.85 0.23 5.24
N3 IMD H . 0.75 0.00 4.55
C4 IMD H . 1.06 -0.01 3.20
C5 IMD H . 2.38 0.22 3.11
CO CO I . -13.13 -7.15 9.31
CO CO J . -11.12 -5.43 12.07
CAG QMP K . -9.92 -10.88 8.76
CAE QMP K . -10.25 -11.15 7.30
CAD QMP K . -9.18 -10.55 6.39
CAF QMP K . -9.06 -9.04 6.64
CAH QMP K . -8.73 -8.78 8.11
CAJ QMP K . -9.81 -9.38 9.01
OAI QMP K . -9.46 -9.14 10.37
PAK QMP K . -9.75 -7.70 11.02
CAA QMP K . -8.71 -7.63 12.47
OAC QMP K . -9.46 -6.59 10.06
OAB QMP K . -11.27 -7.71 11.52
N1 IMD L . -13.92 -10.03 16.64
C2 IMD L . -14.79 -9.46 15.83
N3 IMD L . -14.42 -9.71 14.59
C4 IMD L . -13.26 -10.46 14.60
C5 IMD L . -12.95 -10.67 15.90
#